data_1H0K
#
_entry.id   1H0K
#
_cell.length_a   66.546
_cell.length_b   100.383
_cell.length_c   80.852
_cell.angle_alpha   90.00
_cell.angle_beta   101.20
_cell.angle_gamma   90.00
#
_symmetry.space_group_name_H-M   'P 1 21 1'
#
loop_
_entity.id
_entity.type
_entity.pdbx_description
1 polymer '2,4-DIENOYL-COA REDUCTASE'
2 non-polymer GLYCEROL
3 non-polymer 'SULFATE ION'
4 water water
#
_entity_poly.entity_id   1
_entity_poly.type   'polypeptide(L)'
_entity_poly.pdbx_seq_one_letter_code
;MITAQAVLYTQHGEPKDVLFTQSFEIDDDNLAPNEVIVKTLGSPINPSDINQIQGVYPSKPAKTTGFGTAEPAAPCGNEG
LFEVIKVGSNVSSLEAGDWVIPSHVNFGTWRTHALGNDDDFIKLPNPAQSKANGKPNGLTINQGATISVNPLTAYLMLTH
YVKLTPGKDWFIQNGGTSAVGKYASQIGKLLNFNSISVIRDRPNLDEVVASLKELGATQVITEDQNNSKEFGPTIKEWIK
QSGGEAKLALNCVGGKSSTGIARKLNNNGLMLTYGGMSFQPVTIPTSLYIFKNFTSAGFWVTELLKNNKELKTSTLNQII
AWYEEGKLTDAKSIETLYDGTKPLHELYQDGVANSKDGKQLITY
;
_entity_poly.pdbx_strand_id   A,B
#
loop_
_chem_comp.id
_chem_comp.type
_chem_comp.name
_chem_comp.formula
GOL non-polymer GLYCEROL 'C3 H8 O3'
SO4 non-polymer 'SULFATE ION' 'O4 S -2'
#
# COMPACT_ATOMS: atom_id res chain seq x y z
N MET A 1 44.99 28.24 -12.20
CA MET A 1 44.66 27.10 -11.28
C MET A 1 43.82 27.57 -10.10
N ILE A 2 42.91 26.70 -9.63
CA ILE A 2 42.12 26.95 -8.41
C ILE A 2 42.47 25.90 -7.34
N THR A 3 42.64 26.35 -6.10
CA THR A 3 42.83 25.44 -4.99
C THR A 3 41.49 25.26 -4.26
N ALA A 4 40.95 24.05 -4.32
CA ALA A 4 39.65 23.69 -3.72
C ALA A 4 39.79 22.74 -2.54
N GLN A 5 38.73 22.64 -1.74
CA GLN A 5 38.66 21.73 -0.59
C GLN A 5 37.41 20.89 -0.71
N ALA A 6 37.52 19.59 -0.48
CA ALA A 6 36.35 18.73 -0.37
C ALA A 6 36.33 17.90 0.91
N VAL A 7 35.13 17.69 1.44
CA VAL A 7 34.92 16.82 2.57
C VAL A 7 34.77 15.38 2.05
N LEU A 8 35.70 14.51 2.45
CA LEU A 8 35.76 13.15 1.97
C LEU A 8 35.76 12.14 3.12
N TYR A 9 35.53 10.89 2.74
CA TYR A 9 35.81 9.74 3.60
C TYR A 9 36.30 8.58 2.73
N THR A 10 37.20 7.78 3.32
CA THR A 10 37.71 6.55 2.70
C THR A 10 36.99 5.32 3.24
N GLN A 11 36.27 5.48 4.34
CA GLN A 11 35.60 4.37 5.03
C GLN A 11 34.24 4.86 5.55
N HIS A 12 33.23 4.01 5.45
CA HIS A 12 31.90 4.36 5.90
C HIS A 12 31.90 4.40 7.40
N GLY A 13 31.08 5.26 7.98
CA GLY A 13 31.03 5.35 9.42
C GLY A 13 30.28 6.57 9.84
N GLU A 14 30.34 6.91 11.12
CA GLU A 14 29.72 8.14 11.61
C GLU A 14 30.59 9.32 11.12
N PRO A 15 29.96 10.39 10.66
CA PRO A 15 30.70 11.58 10.22
C PRO A 15 31.78 12.10 11.18
N LYS A 16 31.49 12.05 12.47
CA LYS A 16 32.45 12.50 13.50
C LYS A 16 33.76 11.66 13.53
N ASP A 17 33.69 10.42 13.05
CA ASP A 17 34.87 9.54 12.99
C ASP A 17 35.55 9.49 11.62
N VAL A 18 34.82 9.70 10.51
CA VAL A 18 35.39 9.36 9.20
C VAL A 18 35.71 10.54 8.24
N LEU A 19 35.14 11.70 8.48
CA LEU A 19 35.37 12.84 7.57
C LEU A 19 36.74 13.48 7.74
N PHE A 20 37.24 14.01 6.64
CA PHE A 20 38.40 14.82 6.62
C PHE A 20 38.29 15.72 5.42
N THR A 21 39.14 16.74 5.37
CA THR A 21 39.14 17.70 4.27
C THR A 21 40.37 17.49 3.39
N GLN A 22 40.11 17.29 2.10
CA GLN A 22 41.14 17.12 1.07
C GLN A 22 41.26 18.35 0.17
N SER A 23 42.48 18.83 0.04
CA SER A 23 42.84 19.87 -0.92
C SER A 23 43.03 19.25 -2.29
N PHE A 24 42.52 19.94 -3.31
CA PHE A 24 42.73 19.54 -4.68
C PHE A 24 42.73 20.73 -5.62
N GLU A 25 43.29 20.53 -6.81
CA GLU A 25 43.43 21.63 -7.75
C GLU A 25 42.51 21.43 -8.95
N ILE A 26 41.91 22.52 -9.40
CA ILE A 26 41.06 22.49 -10.59
C ILE A 26 41.72 23.33 -11.66
N ASP A 27 42.02 22.70 -12.81
CA ASP A 27 42.69 23.39 -13.90
C ASP A 27 41.81 24.49 -14.55
N ASP A 28 41.92 25.69 -13.97
CA ASP A 28 41.16 26.90 -14.33
C ASP A 28 41.21 27.26 -15.83
N ASP A 29 42.42 27.21 -16.38
CA ASP A 29 42.73 27.69 -17.73
C ASP A 29 42.76 26.58 -18.78
N ASN A 30 42.14 25.43 -18.48
CA ASN A 30 42.22 24.26 -19.36
C ASN A 30 40.91 23.49 -19.46
N LEU A 31 39.81 24.21 -19.61
CA LEU A 31 38.47 23.59 -19.71
C LEU A 31 38.21 22.99 -21.09
N ALA A 32 37.75 21.75 -21.13
CA ALA A 32 37.23 21.16 -22.36
C ALA A 32 35.99 21.97 -22.82
N PRO A 33 35.66 21.93 -24.12
CA PRO A 33 34.55 22.75 -24.68
C PRO A 33 33.23 22.80 -23.89
N ASN A 34 32.76 21.64 -23.43
CA ASN A 34 31.50 21.52 -22.69
C ASN A 34 31.61 21.65 -21.14
N GLU A 35 32.81 21.90 -20.63
CA GLU A 35 33.07 21.91 -19.19
C GLU A 35 32.70 23.24 -18.52
N VAL A 36 32.51 23.16 -17.21
CA VAL A 36 32.01 24.25 -16.38
C VAL A 36 32.72 24.21 -15.02
N ILE A 37 33.14 25.37 -14.52
CA ILE A 37 33.68 25.46 -13.18
C ILE A 37 32.72 26.27 -12.33
N VAL A 38 32.36 25.68 -11.20
CA VAL A 38 31.47 26.32 -10.23
C VAL A 38 32.15 26.50 -8.89
N LYS A 39 31.77 27.59 -8.21
CA LYS A 39 32.12 27.82 -6.81
C LYS A 39 30.85 27.54 -6.01
N THR A 40 31.00 26.81 -4.91
CA THR A 40 29.88 26.56 -4.03
C THR A 40 29.51 27.81 -3.24
N LEU A 41 28.22 28.10 -3.16
CA LEU A 41 27.72 29.16 -2.30
C LEU A 41 27.14 28.65 -0.99
N GLY A 42 26.55 27.46 -1.03
CA GLY A 42 26.00 26.88 0.18
C GLY A 42 25.51 25.47 -0.09
N SER A 43 25.66 24.60 0.90
CA SER A 43 25.12 23.26 0.81
C SER A 43 24.62 22.82 2.18
N PRO A 44 23.42 22.27 2.24
CA PRO A 44 22.82 21.85 3.49
C PRO A 44 23.28 20.48 3.91
N ILE A 45 23.02 20.17 5.18
CA ILE A 45 23.14 18.82 5.71
C ILE A 45 21.77 18.20 5.85
N ASN A 46 21.51 17.20 5.01
CA ASN A 46 20.29 16.40 5.06
C ASN A 46 20.51 14.99 5.64
N PRO A 47 19.49 14.40 6.26
CA PRO A 47 19.59 13.05 6.82
C PRO A 47 20.15 12.05 5.83
N SER A 48 19.68 12.07 4.60
CA SER A 48 20.23 11.20 3.56
C SER A 48 21.75 11.41 3.37
N ASP A 49 22.23 12.64 3.46
CA ASP A 49 23.68 12.87 3.37
C ASP A 49 24.43 12.06 4.43
N ILE A 50 23.94 12.12 5.66
CA ILE A 50 24.56 11.44 6.76
C ILE A 50 24.47 9.92 6.55
N ASN A 51 23.32 9.45 6.07
CA ASN A 51 23.09 8.02 5.86
C ASN A 51 24.02 7.46 4.80
N GLN A 52 24.33 8.25 3.77
CA GLN A 52 25.30 7.85 2.77
C GLN A 52 26.65 7.63 3.38
N ILE A 53 27.05 8.57 4.25
CA ILE A 53 28.34 8.49 4.92
C ILE A 53 28.36 7.24 5.82
N GLN A 54 27.24 6.94 6.45
CA GLN A 54 27.15 5.78 7.32
C GLN A 54 27.20 4.44 6.55
N GLY A 55 26.91 4.48 5.26
CA GLY A 55 26.90 3.32 4.39
C GLY A 55 25.58 2.56 4.37
N VAL A 56 24.51 3.14 4.91
CA VAL A 56 23.18 2.49 5.01
C VAL A 56 22.12 3.09 4.07
N TYR A 57 22.58 3.82 3.08
CA TYR A 57 21.72 4.44 2.08
C TYR A 57 22.05 3.78 0.72
N PRO A 58 21.04 3.36 -0.04
CA PRO A 58 21.24 2.55 -1.25
C PRO A 58 21.73 3.30 -2.50
N SER A 59 21.88 4.61 -2.41
CA SER A 59 22.35 5.42 -3.53
C SER A 59 23.53 6.23 -3.02
N LYS A 60 24.72 5.96 -3.57
CA LYS A 60 25.96 6.59 -3.11
C LYS A 60 26.92 6.90 -4.26
N PRO A 61 27.74 7.93 -4.09
CA PRO A 61 28.80 8.23 -5.04
C PRO A 61 29.88 7.14 -5.01
N ALA A 62 30.49 6.90 -6.17
CA ALA A 62 31.61 5.99 -6.27
C ALA A 62 32.82 6.52 -5.49
N LYS A 63 33.53 5.61 -4.81
CA LYS A 63 34.86 5.94 -4.27
C LYS A 63 35.85 5.98 -5.41
N THR A 64 36.55 7.10 -5.55
CA THR A 64 37.63 7.22 -6.53
C THR A 64 38.85 7.95 -5.93
N THR A 65 39.93 8.04 -6.72
CA THR A 65 41.16 8.74 -6.32
C THR A 65 41.28 10.10 -7.02
N GLY A 66 40.18 10.60 -7.55
CA GLY A 66 40.21 11.80 -8.35
C GLY A 66 40.39 13.10 -7.57
N PHE A 67 40.25 13.04 -6.25
CA PHE A 67 40.50 14.20 -5.37
C PHE A 67 41.96 14.25 -4.88
N GLY A 68 42.72 13.21 -5.21
CA GLY A 68 44.15 13.19 -4.95
C GLY A 68 44.50 12.45 -3.69
N THR A 69 43.58 11.60 -3.23
CA THR A 69 43.80 10.77 -2.05
C THR A 69 44.61 9.53 -2.44
N ALA A 70 45.03 8.78 -1.42
CA ALA A 70 45.85 7.57 -1.58
C ALA A 70 44.94 6.36 -1.69
N GLU A 71 43.94 6.28 -0.83
CA GLU A 71 42.86 5.30 -0.98
C GLU A 71 41.68 5.91 -1.76
N PRO A 72 40.79 5.04 -2.25
CA PRO A 72 39.47 5.48 -2.73
C PRO A 72 38.73 6.23 -1.63
N ALA A 73 38.17 7.38 -2.01
CA ALA A 73 37.48 8.23 -1.07
C ALA A 73 36.24 8.79 -1.77
N ALA A 74 35.13 8.87 -1.06
CA ALA A 74 33.89 9.39 -1.64
C ALA A 74 33.60 10.80 -1.11
N PRO A 75 33.06 11.67 -1.95
CA PRO A 75 32.57 12.97 -1.48
C PRO A 75 31.27 12.88 -0.72
N CYS A 76 30.80 14.02 -0.24
CA CYS A 76 29.62 14.08 0.61
C CYS A 76 28.63 15.13 0.11
N GLY A 77 27.35 14.89 0.37
CA GLY A 77 26.32 15.86 0.09
C GLY A 77 25.69 15.71 -1.29
N ASN A 78 24.37 15.84 -1.35
CA ASN A 78 23.63 15.73 -2.61
C ASN A 78 23.00 17.05 -3.07
N GLU A 79 22.81 17.98 -2.14
CA GLU A 79 22.12 19.23 -2.40
C GLU A 79 23.08 20.41 -2.24
N GLY A 80 22.87 21.45 -3.03
CA GLY A 80 23.76 22.57 -3.04
C GLY A 80 23.53 23.59 -4.12
N LEU A 81 23.96 24.81 -3.84
CA LEU A 81 23.85 25.93 -4.74
C LEU A 81 25.25 26.35 -5.11
N PHE A 82 25.46 26.44 -6.41
CA PHE A 82 26.73 26.80 -6.95
C PHE A 82 26.58 28.03 -7.86
N GLU A 83 27.69 28.69 -8.08
CA GLU A 83 27.74 29.82 -9.00
C GLU A 83 28.82 29.49 -10.03
N VAL A 84 28.45 29.58 -11.30
CA VAL A 84 29.34 29.35 -12.41
C VAL A 84 30.38 30.48 -12.34
N ILE A 85 31.65 30.13 -12.45
CA ILE A 85 32.71 31.11 -12.45
C ILE A 85 33.44 31.11 -13.80
N LYS A 86 33.46 29.95 -14.47
CA LYS A 86 34.04 29.84 -15.81
C LYS A 86 33.46 28.68 -16.64
N VAL A 87 33.29 28.91 -17.94
CA VAL A 87 32.72 27.94 -18.88
C VAL A 87 33.60 27.70 -20.11
N GLY A 88 33.62 26.47 -20.61
CA GLY A 88 34.37 26.11 -21.81
C GLY A 88 33.74 26.68 -23.11
N SER A 89 34.52 26.64 -24.18
CA SER A 89 34.21 27.29 -25.48
C SER A 89 32.86 26.93 -26.16
N ASN A 90 32.29 25.77 -25.85
CA ASN A 90 31.01 25.34 -26.44
C ASN A 90 29.78 25.42 -25.49
N VAL A 91 29.95 26.05 -24.34
CA VAL A 91 28.87 26.18 -23.39
C VAL A 91 28.08 27.48 -23.67
N SER A 92 26.80 27.32 -23.96
CA SER A 92 25.92 28.46 -24.24
C SER A 92 24.77 28.57 -23.23
N SER A 93 24.42 27.46 -22.60
CA SER A 93 23.34 27.38 -21.63
C SER A 93 23.66 28.08 -20.30
N LEU A 94 24.97 28.24 -20.00
CA LEU A 94 25.47 28.84 -18.76
C LEU A 94 26.59 29.87 -18.98
N GLU A 95 26.59 30.92 -18.15
CA GLU A 95 27.68 31.92 -18.09
C GLU A 95 28.11 32.23 -16.64
N ALA A 96 29.27 32.88 -16.53
CA ALA A 96 29.76 33.36 -15.24
C ALA A 96 28.66 34.11 -14.49
N GLY A 97 28.48 33.74 -13.24
CA GLY A 97 27.60 34.49 -12.37
C GLY A 97 26.26 33.81 -12.21
N ASP A 98 25.95 32.90 -13.16
CA ASP A 98 24.74 32.07 -13.11
C ASP A 98 24.70 31.18 -11.89
N TRP A 99 23.53 31.08 -11.31
CA TRP A 99 23.29 30.16 -10.23
C TRP A 99 22.84 28.83 -10.80
N VAL A 100 23.38 27.75 -10.24
CA VAL A 100 23.05 26.38 -10.62
C VAL A 100 23.02 25.40 -9.47
N ILE A 101 22.25 24.34 -9.66
CA ILE A 101 22.24 23.17 -8.79
C ILE A 101 22.66 21.95 -9.60
N PRO A 102 23.09 20.86 -8.95
CA PRO A 102 23.39 19.61 -9.67
C PRO A 102 22.13 19.05 -10.33
N SER A 103 22.26 18.50 -11.54
CA SER A 103 21.13 17.85 -12.21
C SER A 103 20.87 16.41 -11.71
N HIS A 104 21.88 15.79 -11.11
CA HIS A 104 21.78 14.42 -10.57
C HIS A 104 22.24 14.32 -9.09
N VAL A 105 21.86 13.22 -8.44
CA VAL A 105 22.27 12.93 -7.07
C VAL A 105 23.72 12.49 -7.08
N ASN A 106 24.32 12.35 -5.90
CA ASN A 106 25.69 11.86 -5.76
C ASN A 106 26.75 12.79 -6.30
N PHE A 107 26.46 14.07 -6.41
CA PHE A 107 27.43 15.02 -6.98
C PHE A 107 28.60 15.31 -6.01
N GLY A 108 28.31 15.33 -4.71
CA GLY A 108 29.26 15.77 -3.69
C GLY A 108 29.20 17.29 -3.54
N THR A 109 28.34 17.78 -2.68
CA THR A 109 28.17 19.23 -2.59
C THR A 109 28.92 19.85 -1.40
N TRP A 110 29.55 19.00 -0.58
CA TRP A 110 30.25 19.48 0.60
C TRP A 110 31.73 19.74 0.21
N ARG A 111 31.90 20.82 -0.53
CA ARG A 111 33.17 21.23 -1.06
C ARG A 111 33.07 22.66 -1.57
N THR A 112 34.22 23.26 -1.83
CA THR A 112 34.26 24.68 -2.18
C THR A 112 34.03 24.95 -3.66
N HIS A 113 34.44 23.99 -4.50
CA HIS A 113 34.35 24.08 -5.95
C HIS A 113 34.17 22.73 -6.62
N ALA A 114 33.75 22.80 -7.88
CA ALA A 114 33.64 21.61 -8.72
C ALA A 114 33.82 21.93 -10.21
N LEU A 115 34.25 20.89 -10.92
CA LEU A 115 34.33 20.88 -12.39
C LEU A 115 33.29 19.90 -12.87
N GLY A 116 32.40 20.32 -13.75
CA GLY A 116 31.52 19.40 -14.43
C GLY A 116 31.30 19.76 -15.89
N ASN A 117 30.39 19.03 -16.52
CA ASN A 117 29.82 19.42 -17.80
C ASN A 117 28.63 20.33 -17.59
N ASP A 118 28.29 21.09 -18.64
CA ASP A 118 27.11 21.96 -18.61
C ASP A 118 25.84 21.17 -18.22
N ASP A 119 25.72 19.92 -18.68
CA ASP A 119 24.54 19.11 -18.39
C ASP A 119 24.54 18.41 -17.01
N ASP A 120 25.57 18.62 -16.20
CA ASP A 120 25.56 18.18 -14.81
C ASP A 120 24.87 19.22 -13.94
N PHE A 121 24.36 20.28 -14.54
CA PHE A 121 23.77 21.37 -13.78
C PHE A 121 22.45 21.86 -14.34
N ILE A 122 21.60 22.37 -13.45
CA ILE A 122 20.37 23.05 -13.82
C ILE A 122 20.46 24.47 -13.34
N LYS A 123 20.19 25.40 -14.24
CA LYS A 123 20.15 26.83 -13.93
C LYS A 123 18.95 27.28 -13.08
N LEU A 124 19.25 28.10 -12.07
CA LEU A 124 18.27 28.86 -11.31
C LEU A 124 18.58 30.33 -11.55
N PRO A 125 17.59 31.20 -11.50
CA PRO A 125 17.87 32.64 -11.59
C PRO A 125 18.53 33.14 -10.32
N ASN A 126 19.55 33.96 -10.50
CA ASN A 126 20.19 34.61 -9.37
C ASN A 126 19.36 35.88 -9.06
N PRO A 127 19.53 36.43 -7.87
CA PRO A 127 18.75 37.58 -7.43
C PRO A 127 18.91 38.78 -8.33
N ALA A 128 20.11 39.03 -8.84
CA ALA A 128 20.25 40.13 -9.78
C ALA A 128 19.29 39.97 -10.97
N GLN A 129 19.18 38.75 -11.49
CA GLN A 129 18.37 38.47 -12.69
C GLN A 129 16.89 38.59 -12.37
N SER A 130 16.48 38.02 -11.23
CA SER A 130 15.06 38.11 -10.84
C SER A 130 14.69 39.58 -10.68
N LYS A 131 15.58 40.36 -10.06
CA LYS A 131 15.31 41.79 -9.80
C LYS A 131 15.24 42.59 -11.09
N ALA A 132 16.19 42.33 -11.99
CA ALA A 132 16.26 43.06 -13.25
C ALA A 132 15.04 42.80 -14.12
N ASN A 133 14.52 41.59 -14.01
CA ASN A 133 13.31 41.18 -14.73
C ASN A 133 11.96 41.57 -14.04
N GLY A 134 11.99 42.42 -13.02
CA GLY A 134 10.78 42.98 -12.43
C GLY A 134 10.12 42.13 -11.33
N LYS A 135 10.76 41.03 -10.91
CA LYS A 135 10.22 40.20 -9.87
C LYS A 135 10.37 40.89 -8.49
N PRO A 136 9.39 40.76 -7.60
CA PRO A 136 9.47 41.41 -6.28
C PRO A 136 10.50 40.78 -5.32
N ASN A 137 10.91 39.53 -5.58
CA ASN A 137 11.90 38.86 -4.78
C ASN A 137 12.85 38.04 -5.68
N GLY A 138 14.05 37.83 -5.17
CA GLY A 138 14.98 36.83 -5.67
C GLY A 138 15.18 35.72 -4.65
N LEU A 139 15.66 34.59 -5.13
CA LEU A 139 16.04 33.46 -4.28
C LEU A 139 17.11 33.88 -3.31
N THR A 140 16.99 33.49 -2.05
CA THR A 140 18.12 33.54 -1.12
C THR A 140 19.05 32.35 -1.35
N ILE A 141 20.25 32.42 -0.79
CA ILE A 141 21.19 31.30 -0.88
C ILE A 141 20.59 30.01 -0.32
N ASN A 142 19.99 30.08 0.86
CA ASN A 142 19.37 28.92 1.48
C ASN A 142 18.25 28.33 0.61
N GLN A 143 17.46 29.22 0.02
CA GLN A 143 16.38 28.79 -0.86
C GLN A 143 16.91 28.01 -2.06
N GLY A 144 17.92 28.58 -2.72
CA GLY A 144 18.57 27.92 -3.84
C GLY A 144 19.23 26.61 -3.45
N ALA A 145 19.88 26.60 -2.30
CA ALA A 145 20.69 25.45 -1.88
C ALA A 145 19.83 24.27 -1.47
N THR A 146 18.57 24.57 -1.11
CA THR A 146 17.68 23.56 -0.59
C THR A 146 16.47 23.35 -1.48
N ILE A 147 16.52 23.84 -2.73
CA ILE A 147 15.36 23.79 -3.60
C ILE A 147 15.10 22.42 -4.22
N SER A 148 16.12 21.58 -4.28
CA SER A 148 16.08 20.47 -5.18
C SER A 148 15.42 19.23 -4.60
N VAL A 149 15.28 19.13 -3.28
CA VAL A 149 14.69 17.94 -2.67
C VAL A 149 13.33 18.18 -1.99
N ASN A 150 13.33 18.95 -0.90
CA ASN A 150 12.15 19.10 -0.05
C ASN A 150 10.94 19.81 -0.69
N PRO A 151 11.12 20.97 -1.34
CA PRO A 151 10.00 21.61 -2.05
C PRO A 151 9.43 20.74 -3.17
N LEU A 152 10.29 20.08 -3.95
CA LEU A 152 9.81 19.21 -5.02
C LEU A 152 9.10 17.97 -4.47
N THR A 153 9.56 17.50 -3.32
CA THR A 153 8.93 16.33 -2.69
C THR A 153 7.50 16.69 -2.26
N ALA A 154 7.33 17.84 -1.61
CA ALA A 154 6.02 18.29 -1.20
C ALA A 154 5.10 18.50 -2.40
N TYR A 155 5.57 19.24 -3.41
CA TYR A 155 4.76 19.51 -4.60
C TYR A 155 4.29 18.24 -5.32
N LEU A 156 5.20 17.31 -5.52
CA LEU A 156 4.91 16.10 -6.29
C LEU A 156 3.95 15.16 -5.54
N MET A 157 4.13 14.99 -4.23
CA MET A 157 3.25 14.09 -3.44
C MET A 157 1.84 14.63 -3.49
N LEU A 158 1.71 15.95 -3.50
CA LEU A 158 0.40 16.60 -3.48
C LEU A 158 -0.32 16.63 -4.81
N THR A 159 0.42 16.65 -5.92
CA THR A 159 -0.20 16.83 -7.24
C THR A 159 -0.04 15.66 -8.24
N HIS A 160 0.90 14.75 -8.04
CA HIS A 160 1.22 13.76 -9.07
C HIS A 160 0.48 12.40 -8.94
N TYR A 161 -0.24 12.18 -7.84
CA TYR A 161 -0.78 10.85 -7.51
C TYR A 161 -2.27 10.83 -7.47
N VAL A 162 -2.84 11.75 -6.70
CA VAL A 162 -4.29 11.94 -6.61
C VAL A 162 -4.61 13.40 -6.83
N LYS A 163 -5.72 13.63 -7.50
CA LYS A 163 -6.19 14.96 -7.82
C LYS A 163 -7.15 15.38 -6.71
N LEU A 164 -6.76 16.37 -5.93
CA LEU A 164 -7.61 16.90 -4.88
C LEU A 164 -8.44 18.04 -5.48
N THR A 165 -9.74 18.00 -5.24
CA THR A 165 -10.64 19.07 -5.70
C THR A 165 -10.43 20.34 -4.87
N PRO A 166 -10.08 21.44 -5.51
CA PRO A 166 -9.90 22.71 -4.82
C PRO A 166 -11.11 23.08 -3.95
N GLY A 167 -10.85 23.54 -2.73
CA GLY A 167 -11.90 23.96 -1.82
C GLY A 167 -12.52 22.86 -0.97
N LYS A 168 -12.43 21.62 -1.44
CA LYS A 168 -13.22 20.52 -0.89
C LYS A 168 -12.37 19.42 -0.27
N ASP A 169 -11.44 18.87 -1.04
CA ASP A 169 -10.73 17.68 -0.61
C ASP A 169 -9.60 17.96 0.37
N TRP A 170 -9.16 16.88 1.04
CA TRP A 170 -8.20 16.95 2.13
C TRP A 170 -7.01 16.01 1.90
N PHE A 171 -5.85 16.48 2.34
CA PHE A 171 -4.77 15.60 2.70
C PHE A 171 -4.45 15.67 4.19
N ILE A 172 -3.84 14.60 4.69
CA ILE A 172 -3.41 14.56 6.04
C ILE A 172 -1.92 14.12 6.02
N GLN A 173 -1.12 14.72 6.88
CA GLN A 173 0.28 14.36 6.97
C GLN A 173 0.71 14.34 8.41
N ASN A 174 1.67 13.48 8.74
CA ASN A 174 2.44 13.60 9.98
C ASN A 174 3.77 14.31 9.68
N GLY A 175 4.59 14.45 10.70
CA GLY A 175 5.77 15.29 10.67
C GLY A 175 5.44 16.69 10.18
N GLY A 176 4.39 17.28 10.75
CA GLY A 176 3.86 18.53 10.24
C GLY A 176 4.82 19.70 10.38
N THR A 177 5.76 19.60 11.32
CA THR A 177 6.80 20.63 11.50
C THR A 177 8.09 20.37 10.72
N SER A 178 8.11 19.31 9.92
CA SER A 178 9.27 19.01 9.07
C SER A 178 9.31 19.97 7.88
N ALA A 179 10.47 20.06 7.24
CA ALA A 179 10.63 20.97 6.13
C ALA A 179 9.63 20.64 5.06
N VAL A 180 9.49 19.35 4.75
CA VAL A 180 8.52 18.93 3.73
C VAL A 180 7.09 19.21 4.17
N GLY A 181 6.80 18.96 5.44
CA GLY A 181 5.49 19.27 6.02
C GLY A 181 5.05 20.71 5.86
N LYS A 182 5.97 21.63 6.16
CA LYS A 182 5.72 23.05 6.05
C LYS A 182 5.60 23.53 4.61
N TYR A 183 6.39 22.98 3.68
CA TYR A 183 6.11 23.17 2.24
C TYR A 183 4.76 22.64 1.79
N ALA A 184 4.37 21.46 2.30
CA ALA A 184 3.08 20.89 1.89
C ALA A 184 1.92 21.77 2.37
N SER A 185 2.01 22.30 3.58
CA SER A 185 0.98 23.19 4.07
C SER A 185 0.85 24.43 3.16
N GLN A 186 1.98 25.00 2.77
CA GLN A 186 1.98 26.20 1.93
C GLN A 186 1.43 25.91 0.56
N ILE A 187 1.86 24.79 -0.02
CA ILE A 187 1.38 24.37 -1.33
C ILE A 187 -0.11 24.07 -1.26
N GLY A 188 -0.53 23.47 -0.15
CA GLY A 188 -1.96 23.27 0.10
C GLY A 188 -2.74 24.57 0.09
N LYS A 189 -2.21 25.60 0.75
CA LYS A 189 -2.89 26.90 0.74
C LYS A 189 -2.97 27.47 -0.71
N LEU A 190 -1.87 27.38 -1.45
CA LEU A 190 -1.72 27.97 -2.76
C LEU A 190 -2.64 27.30 -3.80
N LEU A 191 -2.86 25.99 -3.64
CA LEU A 191 -3.71 25.20 -4.54
C LEU A 191 -5.15 24.94 -4.01
N ASN A 192 -5.46 25.57 -2.87
CA ASN A 192 -6.76 25.47 -2.20
C ASN A 192 -7.12 24.05 -1.79
N PHE A 193 -6.16 23.29 -1.27
CA PHE A 193 -6.44 22.00 -0.67
C PHE A 193 -6.59 22.19 0.83
N ASN A 194 -7.55 21.50 1.42
CA ASN A 194 -7.67 21.41 2.88
C ASN A 194 -6.65 20.38 3.41
N SER A 195 -6.16 20.59 4.62
CA SER A 195 -5.20 19.67 5.19
C SER A 195 -5.26 19.60 6.69
N ILE A 196 -4.91 18.42 7.20
CA ILE A 196 -4.69 18.22 8.61
C ILE A 196 -3.22 17.90 8.80
N SER A 197 -2.55 18.62 9.68
CA SER A 197 -1.18 18.32 10.03
C SER A 197 -1.18 17.69 11.41
N VAL A 198 -0.59 16.53 11.53
CA VAL A 198 -0.35 15.88 12.82
C VAL A 198 1.06 16.21 13.27
N ILE A 199 1.23 16.69 14.49
CA ILE A 199 2.55 17.01 15.00
C ILE A 199 2.72 16.44 16.40
N ARG A 200 3.96 16.22 16.77
CA ARG A 200 4.28 15.87 18.15
C ARG A 200 3.91 17.04 19.08
N ASP A 201 3.50 16.73 20.30
CA ASP A 201 3.21 17.79 21.26
C ASP A 201 4.55 18.38 21.72
N ARG A 202 4.52 19.62 22.18
CA ARG A 202 5.73 20.34 22.56
C ARG A 202 5.35 21.46 23.54
N PRO A 203 6.32 22.00 24.27
CA PRO A 203 6.03 23.03 25.29
C PRO A 203 5.39 24.30 24.71
N ASN A 204 5.70 24.62 23.46
CA ASN A 204 5.18 25.81 22.79
C ASN A 204 4.16 25.40 21.72
N LEU A 205 3.32 24.42 22.03
CA LEU A 205 2.32 23.94 21.08
C LEU A 205 1.51 25.05 20.44
N ASP A 206 1.01 26.00 21.21
CA ASP A 206 0.07 26.99 20.64
C ASP A 206 0.75 27.87 19.58
N GLU A 207 1.99 28.25 19.85
CA GLU A 207 2.77 29.03 18.88
C GLU A 207 3.05 28.21 17.59
N VAL A 208 3.41 26.94 17.74
CA VAL A 208 3.68 26.08 16.57
C VAL A 208 2.39 25.93 15.73
N VAL A 209 1.27 25.68 16.41
CA VAL A 209 -0.03 25.53 15.74
C VAL A 209 -0.41 26.80 14.95
N ALA A 210 -0.28 27.98 15.57
CA ALA A 210 -0.56 29.26 14.92
C ALA A 210 0.33 29.43 13.68
N SER A 211 1.57 28.99 13.81
CA SER A 211 2.52 29.12 12.73
C SER A 211 2.22 28.19 11.54
N LEU A 212 1.78 26.95 11.82
CA LEU A 212 1.44 26.02 10.77
C LEU A 212 0.14 26.44 10.06
N LYS A 213 -0.80 26.96 10.83
CA LYS A 213 -2.05 27.48 10.27
C LYS A 213 -1.77 28.70 9.40
N GLU A 214 -0.90 29.62 9.82
CA GLU A 214 -0.50 30.71 8.92
C GLU A 214 0.16 30.20 7.62
N LEU A 215 0.98 29.14 7.67
CA LEU A 215 1.60 28.56 6.47
C LEU A 215 0.57 27.93 5.53
N GLY A 216 -0.46 27.33 6.12
CA GLY A 216 -1.60 26.87 5.38
C GLY A 216 -2.31 25.60 5.84
N ALA A 217 -1.89 25.00 6.95
CA ALA A 217 -2.64 23.86 7.49
C ALA A 217 -4.02 24.35 7.89
N THR A 218 -5.04 23.66 7.45
CA THR A 218 -6.41 23.94 7.88
C THR A 218 -6.63 23.58 9.35
N GLN A 219 -6.21 22.38 9.75
CA GLN A 219 -6.26 21.96 11.15
C GLN A 219 -4.91 21.33 11.54
N VAL A 220 -4.52 21.54 12.78
CA VAL A 220 -3.31 20.97 13.34
C VAL A 220 -3.75 20.17 14.60
N ILE A 221 -3.35 18.90 14.65
CA ILE A 221 -3.64 18.09 15.82
C ILE A 221 -2.38 17.43 16.35
N THR A 222 -2.37 17.10 17.62
CA THR A 222 -1.25 16.40 18.22
C THR A 222 -1.30 14.90 17.89
N GLU A 223 -0.22 14.19 18.16
CA GLU A 223 -0.19 12.74 18.04
C GLU A 223 -1.18 12.13 19.04
N ASP A 224 -1.31 12.70 20.24
CA ASP A 224 -2.36 12.22 21.16
C ASP A 224 -3.74 12.26 20.53
N GLN A 225 -4.06 13.38 19.89
CA GLN A 225 -5.36 13.51 19.20
C GLN A 225 -5.50 12.52 18.03
N ASN A 226 -4.40 12.31 17.32
CA ASN A 226 -4.29 11.31 16.25
C ASN A 226 -4.64 9.89 16.75
N ASN A 227 -4.14 9.57 17.95
CA ASN A 227 -4.39 8.27 18.59
C ASN A 227 -5.78 8.14 19.20
N SER A 228 -6.50 9.26 19.42
CA SER A 228 -7.79 9.19 20.12
C SER A 228 -8.95 8.63 19.25
N LYS A 229 -9.53 7.51 19.68
CA LYS A 229 -10.78 6.98 19.09
C LYS A 229 -11.93 7.98 19.21
N GLU A 230 -11.99 8.65 20.34
CA GLU A 230 -13.09 9.54 20.63
C GLU A 230 -13.08 10.81 19.76
N PHE A 231 -11.95 11.11 19.12
CA PHE A 231 -11.81 12.31 18.28
C PHE A 231 -12.30 12.06 16.83
N GLY A 232 -12.53 10.80 16.48
CA GLY A 232 -12.91 10.43 15.11
C GLY A 232 -14.06 11.26 14.56
N PRO A 233 -15.14 11.41 15.33
CA PRO A 233 -16.28 12.23 14.95
C PRO A 233 -15.98 13.68 14.63
N THR A 234 -15.05 14.30 15.34
CA THR A 234 -14.71 15.67 15.00
C THR A 234 -14.07 15.71 13.64
N ILE A 235 -13.17 14.78 13.34
CA ILE A 235 -12.50 14.79 12.03
C ILE A 235 -13.51 14.49 10.91
N LYS A 236 -14.35 13.50 11.14
CA LYS A 236 -15.40 13.16 10.19
C LYS A 236 -16.26 14.38 9.91
N GLU A 237 -16.63 15.14 10.93
CA GLU A 237 -17.42 16.37 10.74
C GLU A 237 -16.64 17.47 10.00
N TRP A 238 -15.34 17.64 10.25
CA TRP A 238 -14.58 18.61 9.45
C TRP A 238 -14.68 18.29 7.95
N ILE A 239 -14.55 17.02 7.63
CA ILE A 239 -14.53 16.59 6.23
C ILE A 239 -15.94 16.73 5.63
N LYS A 240 -16.96 16.28 6.36
CA LYS A 240 -18.36 16.46 5.94
C LYS A 240 -18.73 17.91 5.62
N GLN A 241 -18.37 18.85 6.49
CA GLN A 241 -18.71 20.28 6.30
C GLN A 241 -18.03 20.90 5.09
N SER A 242 -16.86 20.39 4.69
CA SER A 242 -16.21 20.90 3.46
C SER A 242 -16.82 20.37 2.14
N GLY A 243 -17.64 19.34 2.26
CA GLY A 243 -18.19 18.64 1.11
C GLY A 243 -17.20 17.74 0.35
N GLY A 244 -15.98 17.59 0.84
CA GLY A 244 -14.97 16.79 0.14
C GLY A 244 -14.63 15.51 0.87
N GLU A 245 -13.48 14.93 0.51
CA GLU A 245 -13.02 13.72 1.14
C GLU A 245 -11.54 13.79 1.43
N ALA A 246 -11.12 13.05 2.44
CA ALA A 246 -9.70 12.90 2.73
C ALA A 246 -9.13 11.78 1.86
N LYS A 247 -8.37 12.15 0.82
CA LYS A 247 -7.96 11.23 -0.21
C LYS A 247 -6.49 10.80 -0.14
N LEU A 248 -5.69 11.52 0.64
CA LEU A 248 -4.25 11.35 0.57
C LEU A 248 -3.65 11.56 1.94
N ALA A 249 -2.78 10.63 2.32
CA ALA A 249 -2.03 10.71 3.55
C ALA A 249 -0.55 10.70 3.19
N LEU A 250 0.19 11.61 3.82
CA LEU A 250 1.63 11.66 3.66
C LEU A 250 2.26 11.23 4.99
N ASN A 251 3.01 10.15 4.96
CA ASN A 251 3.64 9.57 6.14
C ASN A 251 5.18 9.67 6.10
N CYS A 252 5.77 10.26 7.13
CA CYS A 252 7.22 10.23 7.29
C CYS A 252 7.59 9.76 8.67
N VAL A 253 6.64 9.12 9.38
CA VAL A 253 6.88 8.69 10.77
C VAL A 253 6.85 7.17 10.97
N GLY A 254 5.80 6.52 10.47
CA GLY A 254 5.58 5.12 10.76
C GLY A 254 4.84 4.89 12.06
N GLY A 255 4.75 3.63 12.44
CA GLY A 255 4.21 3.19 13.72
C GLY A 255 2.78 3.66 13.90
N LYS A 256 2.43 3.99 15.15
CA LYS A 256 1.08 4.44 15.53
C LYS A 256 0.65 5.67 14.75
N SER A 257 1.58 6.57 14.45
CA SER A 257 1.24 7.79 13.72
C SER A 257 0.69 7.44 12.32
N SER A 258 1.36 6.51 11.64
CA SER A 258 0.89 6.04 10.31
C SER A 258 -0.48 5.38 10.40
N THR A 259 -0.73 4.61 11.44
CA THR A 259 -2.06 4.00 11.65
C THR A 259 -3.13 5.07 11.73
N GLY A 260 -2.80 6.09 12.54
CA GLY A 260 -3.68 7.20 12.83
C GLY A 260 -4.12 8.02 11.65
N ILE A 261 -3.16 8.37 10.80
CA ILE A 261 -3.51 9.14 9.64
C ILE A 261 -4.22 8.28 8.61
N ALA A 262 -3.88 6.99 8.53
CA ALA A 262 -4.55 6.10 7.57
C ALA A 262 -6.02 6.00 7.89
N ARG A 263 -6.34 5.88 9.17
CA ARG A 263 -7.69 5.67 9.62
C ARG A 263 -8.56 6.86 9.32
N LYS A 264 -7.95 8.03 9.13
CA LYS A 264 -8.71 9.23 8.88
C LYS A 264 -9.05 9.46 7.40
N LEU A 265 -8.54 8.64 6.50
CA LEU A 265 -8.91 8.76 5.09
C LEU A 265 -10.27 8.19 4.84
N ASN A 266 -10.95 8.78 3.84
CA ASN A 266 -12.15 8.19 3.27
C ASN A 266 -11.81 6.91 2.50
N ASN A 267 -12.83 6.17 2.10
CA ASN A 267 -12.72 5.04 1.19
C ASN A 267 -11.86 5.47 0.01
N ASN A 268 -11.07 4.54 -0.53
CA ASN A 268 -10.26 4.74 -1.71
C ASN A 268 -9.04 5.63 -1.46
N GLY A 269 -8.60 5.65 -0.23
CA GLY A 269 -7.48 6.48 0.15
C GLY A 269 -6.12 5.94 -0.27
N LEU A 270 -5.15 6.85 -0.43
CA LEU A 270 -3.77 6.55 -0.77
C LEU A 270 -2.87 7.17 0.28
N MET A 271 -1.94 6.37 0.80
CA MET A 271 -0.84 6.82 1.64
C MET A 271 0.47 6.73 0.84
N LEU A 272 1.28 7.78 0.92
CA LEU A 272 2.61 7.81 0.42
C LEU A 272 3.54 7.95 1.60
N THR A 273 4.46 7.01 1.72
CA THR A 273 5.45 6.99 2.77
C THR A 273 6.75 7.51 2.15
N TYR A 274 7.25 8.65 2.62
CA TYR A 274 8.47 9.25 2.06
C TYR A 274 9.59 9.38 3.12
N GLY A 275 9.32 8.91 4.32
CA GLY A 275 10.31 8.92 5.34
C GLY A 275 9.84 8.02 6.47
N GLY A 276 10.69 7.86 7.46
CA GLY A 276 10.42 6.95 8.55
C GLY A 276 11.26 7.31 9.73
N MET A 277 10.74 6.98 10.92
CA MET A 277 11.26 7.51 12.18
C MET A 277 12.00 6.42 12.90
N SER A 278 12.98 5.82 12.23
CA SER A 278 13.89 4.83 12.81
C SER A 278 13.25 3.59 13.46
N PHE A 279 13.26 2.49 12.71
CA PHE A 279 12.71 1.21 13.18
C PHE A 279 11.23 1.34 13.67
N GLN A 280 10.48 2.21 13.01
CA GLN A 280 9.03 2.26 13.19
C GLN A 280 8.42 1.91 11.82
N PRO A 281 8.04 0.63 11.62
CA PRO A 281 7.44 0.23 10.34
C PRO A 281 6.07 0.90 10.12
N VAL A 282 5.69 0.98 8.87
CA VAL A 282 4.35 1.42 8.47
C VAL A 282 3.37 0.37 8.94
N THR A 283 2.40 0.80 9.73
CA THR A 283 1.49 -0.12 10.44
C THR A 283 0.05 0.25 10.10
N ILE A 284 -0.63 -0.63 9.35
CA ILE A 284 -1.95 -0.32 8.83
C ILE A 284 -2.91 -1.44 9.21
N PRO A 285 -4.03 -1.09 9.85
CA PRO A 285 -5.03 -2.10 10.17
C PRO A 285 -5.51 -2.79 8.90
N THR A 286 -5.64 -4.09 9.01
CA THR A 286 -6.16 -4.95 7.97
C THR A 286 -7.48 -4.43 7.40
N SER A 287 -8.36 -3.98 8.28
CA SER A 287 -9.69 -3.53 7.88
C SER A 287 -9.65 -2.38 6.87
N LEU A 288 -8.63 -1.52 6.91
CA LEU A 288 -8.56 -0.45 5.92
C LEU A 288 -8.33 -0.98 4.52
N TYR A 289 -7.43 -1.96 4.40
CA TYR A 289 -7.15 -2.56 3.10
C TYR A 289 -8.37 -3.28 2.57
N ILE A 290 -9.03 -4.06 3.43
CA ILE A 290 -10.10 -4.91 2.94
C ILE A 290 -11.37 -4.10 2.69
N PHE A 291 -11.74 -3.25 3.64
CA PHE A 291 -13.08 -2.63 3.62
C PHE A 291 -13.04 -1.19 3.15
N LYS A 292 -11.89 -0.52 3.14
CA LYS A 292 -11.83 0.91 2.75
C LYS A 292 -11.03 1.17 1.48
N ASN A 293 -10.78 0.10 0.73
CA ASN A 293 -9.99 0.15 -0.48
C ASN A 293 -8.76 1.05 -0.32
N PHE A 294 -8.03 0.84 0.75
CA PHE A 294 -6.86 1.65 1.07
C PHE A 294 -5.62 1.09 0.33
N THR A 295 -4.79 2.00 -0.17
CA THR A 295 -3.53 1.66 -0.77
C THR A 295 -2.40 2.40 -0.08
N SER A 296 -1.32 1.67 0.14
CA SER A 296 -0.10 2.24 0.73
C SER A 296 1.08 2.06 -0.22
N ALA A 297 1.73 3.16 -0.57
CA ALA A 297 2.81 3.16 -1.52
C ALA A 297 3.96 4.01 -1.03
N GLY A 298 5.00 4.07 -1.82
CA GLY A 298 6.17 4.83 -1.43
C GLY A 298 6.38 6.04 -2.31
N PHE A 299 7.23 6.93 -1.81
CA PHE A 299 7.68 8.09 -2.55
C PHE A 299 9.18 8.30 -2.32
N TRP A 300 9.94 8.38 -3.43
CA TRP A 300 11.37 8.63 -3.39
C TRP A 300 11.68 9.55 -4.55
N VAL A 301 11.93 10.82 -4.23
CA VAL A 301 12.11 11.82 -5.25
C VAL A 301 13.28 11.46 -6.16
N THR A 302 14.33 10.87 -5.61
CA THR A 302 15.48 10.49 -6.42
C THR A 302 15.05 9.52 -7.52
N GLU A 303 14.29 8.49 -7.14
CA GLU A 303 13.85 7.49 -8.12
C GLU A 303 12.81 8.03 -9.11
N LEU A 304 11.87 8.83 -8.63
CA LEU A 304 10.79 9.30 -9.47
C LEU A 304 11.28 10.19 -10.64
N LEU A 305 12.27 11.02 -10.36
CA LEU A 305 12.77 12.00 -11.32
C LEU A 305 14.01 11.55 -12.14
N LYS A 306 14.58 10.39 -11.84
CA LYS A 306 15.75 9.83 -12.57
C LYS A 306 15.73 10.02 -14.11
N ASN A 307 14.64 9.59 -14.71
CA ASN A 307 14.38 9.67 -16.14
C ASN A 307 13.10 10.44 -16.42
N ASN A 308 12.91 11.56 -15.73
CA ASN A 308 11.77 12.42 -15.99
C ASN A 308 12.22 13.86 -15.79
N LYS A 309 13.16 14.27 -16.63
CA LYS A 309 13.72 15.60 -16.59
C LYS A 309 12.65 16.67 -16.76
N GLU A 310 11.66 16.42 -17.61
CA GLU A 310 10.56 17.34 -17.86
C GLU A 310 9.68 17.56 -16.62
N LEU A 311 9.44 16.48 -15.85
CA LEU A 311 8.65 16.59 -14.63
C LEU A 311 9.48 17.36 -13.63
N LYS A 312 10.79 17.10 -13.59
CA LYS A 312 11.69 17.81 -12.69
C LYS A 312 11.71 19.33 -12.98
N THR A 313 11.89 19.68 -14.25
CA THR A 313 11.92 21.08 -14.75
C THR A 313 10.64 21.86 -14.44
N SER A 314 9.53 21.30 -14.85
CA SER A 314 8.23 21.87 -14.62
C SER A 314 8.00 22.10 -13.10
N THR A 315 8.37 21.14 -12.27
CA THR A 315 8.14 21.27 -10.85
C THR A 315 9.01 22.39 -10.26
N LEU A 316 10.28 22.35 -10.62
CA LEU A 316 11.26 23.33 -10.18
C LEU A 316 10.92 24.79 -10.57
N ASN A 317 10.44 24.94 -11.78
CA ASN A 317 10.00 26.21 -12.32
C ASN A 317 8.86 26.78 -11.48
N GLN A 318 7.94 25.93 -11.04
CA GLN A 318 6.87 26.40 -10.18
C GLN A 318 7.42 26.88 -8.84
N ILE A 319 8.31 26.12 -8.23
CA ILE A 319 8.85 26.51 -6.93
C ILE A 319 9.63 27.82 -7.08
N ILE A 320 10.41 27.92 -8.15
CA ILE A 320 11.16 29.14 -8.44
C ILE A 320 10.22 30.33 -8.59
N ALA A 321 9.17 30.20 -9.40
CA ALA A 321 8.22 31.31 -9.57
C ALA A 321 7.59 31.76 -8.26
N TRP A 322 7.22 30.78 -7.41
CA TRP A 322 6.59 31.09 -6.13
C TRP A 322 7.56 31.84 -5.22
N TYR A 323 8.84 31.48 -5.25
CA TYR A 323 9.82 32.18 -4.43
C TYR A 323 9.94 33.63 -4.90
N GLU A 324 10.04 33.82 -6.22
CA GLU A 324 10.19 35.16 -6.78
C GLU A 324 8.95 36.02 -6.46
N GLU A 325 7.80 35.39 -6.44
CA GLU A 325 6.54 36.09 -6.19
C GLU A 325 6.31 36.27 -4.67
N GLY A 326 7.15 35.70 -3.82
CA GLY A 326 6.99 35.83 -2.38
C GLY A 326 5.89 34.93 -1.78
N LYS A 327 5.50 33.87 -2.49
CA LYS A 327 4.37 33.03 -2.11
C LYS A 327 4.76 31.79 -1.37
N LEU A 328 6.04 31.46 -1.40
CA LEU A 328 6.57 30.35 -0.66
C LEU A 328 7.69 30.81 0.24
N THR A 329 7.76 30.26 1.44
CA THR A 329 8.86 30.53 2.36
C THR A 329 9.55 29.23 2.81
N ASP A 330 10.86 29.30 2.95
CA ASP A 330 11.70 28.26 3.58
C ASP A 330 11.76 28.39 5.11
N ALA A 331 12.06 27.30 5.79
CA ALA A 331 12.46 27.38 7.20
C ALA A 331 13.89 27.94 7.23
N LYS A 332 14.19 28.80 8.18
CA LYS A 332 15.50 29.42 8.24
C LYS A 332 16.54 28.40 8.72
N SER A 333 17.62 28.31 7.99
CA SER A 333 18.73 27.44 8.33
C SER A 333 19.63 28.13 9.34
N ILE A 334 20.37 27.36 10.14
CA ILE A 334 21.52 27.88 10.88
C ILE A 334 22.71 27.84 9.91
N GLU A 335 23.29 29.00 9.67
CA GLU A 335 24.38 29.14 8.71
C GLU A 335 25.76 29.22 9.36
N THR A 336 26.68 28.39 8.88
CA THR A 336 28.06 28.44 9.30
C THR A 336 28.87 28.73 8.06
N LEU A 337 29.52 29.89 8.08
CA LEU A 337 30.33 30.38 6.98
C LEU A 337 31.76 29.85 6.99
N TYR A 338 32.18 29.24 5.89
CA TYR A 338 33.54 28.75 5.74
C TYR A 338 34.43 29.89 5.28
N ASP A 339 35.45 30.20 6.11
CA ASP A 339 36.39 31.29 5.84
C ASP A 339 37.87 30.88 5.88
N GLY A 340 38.15 29.60 6.07
CA GLY A 340 39.52 29.10 6.04
C GLY A 340 40.19 28.93 7.40
N THR A 341 39.57 29.42 8.48
CA THR A 341 40.20 29.43 9.82
C THR A 341 39.87 28.15 10.58
N LYS A 342 38.88 27.42 10.08
CA LYS A 342 38.50 26.13 10.62
C LYS A 342 38.30 25.17 9.43
N PRO A 343 38.89 23.98 9.52
CA PRO A 343 38.76 22.94 8.48
C PRO A 343 37.31 22.68 8.08
N LEU A 344 37.06 22.64 6.78
CA LEU A 344 35.70 22.49 6.25
C LEU A 344 34.94 21.31 6.85
N HIS A 345 35.59 20.16 6.94
CA HIS A 345 34.92 18.96 7.44
C HIS A 345 34.46 19.11 8.88
N GLU A 346 35.16 19.95 9.65
CA GLU A 346 34.79 20.26 11.02
C GLU A 346 33.51 21.10 11.11
N LEU A 347 33.30 21.99 10.14
CA LEU A 347 32.03 22.70 10.03
C LEU A 347 30.88 21.72 9.77
N TYR A 348 31.10 20.73 8.91
CA TYR A 348 30.05 19.75 8.64
C TYR A 348 29.85 18.80 9.79
N GLN A 349 30.93 18.46 10.50
CA GLN A 349 30.85 17.54 11.64
C GLN A 349 30.07 18.21 12.74
N ASP A 350 30.36 19.49 13.01
CA ASP A 350 29.59 20.28 13.96
C ASP A 350 28.11 20.38 13.56
N GLY A 351 27.84 20.58 12.27
CA GLY A 351 26.47 20.63 11.78
C GLY A 351 25.69 19.35 12.02
N VAL A 352 26.36 18.22 11.83
CA VAL A 352 25.74 16.93 12.01
C VAL A 352 25.43 16.75 13.49
N ALA A 353 26.42 17.03 14.33
CA ALA A 353 26.24 16.99 15.79
C ALA A 353 25.16 17.94 16.29
N ASN A 354 24.92 19.04 15.58
CA ASN A 354 23.93 20.04 15.99
C ASN A 354 22.60 19.98 15.20
N SER A 355 22.27 18.81 14.68
CA SER A 355 21.11 18.65 13.83
C SER A 355 19.79 19.05 14.53
N LYS A 356 19.65 18.73 15.82
CA LYS A 356 18.43 19.07 16.55
C LYS A 356 18.15 20.59 16.65
N ASP A 357 19.18 21.42 16.46
CA ASP A 357 19.02 22.88 16.47
C ASP A 357 18.19 23.41 15.29
N GLY A 358 18.14 22.65 14.20
CA GLY A 358 17.63 23.16 12.94
C GLY A 358 18.51 22.78 11.76
N LYS A 359 17.95 22.95 10.56
CA LYS A 359 18.64 22.67 9.31
C LYS A 359 19.97 23.40 9.30
N GLN A 360 21.04 22.70 8.97
CA GLN A 360 22.37 23.30 8.96
C GLN A 360 22.77 23.57 7.53
N LEU A 361 23.20 24.80 7.25
CA LEU A 361 23.67 25.21 5.95
C LEU A 361 25.07 25.72 6.13
N ILE A 362 26.03 25.09 5.47
CA ILE A 362 27.37 25.60 5.43
C ILE A 362 27.45 26.50 4.20
N THR A 363 27.94 27.71 4.40
CA THR A 363 28.05 28.69 3.31
C THR A 363 29.50 29.00 3.03
N TYR A 364 29.72 29.62 1.88
CA TYR A 364 31.06 29.84 1.37
C TYR A 364 31.22 31.28 0.91
N MET B 1 -48.41 -24.96 -1.61
CA MET B 1 -47.76 -24.17 -0.51
C MET B 1 -46.61 -24.95 0.06
N ILE B 2 -45.52 -24.25 0.31
CA ILE B 2 -44.35 -24.81 0.94
C ILE B 2 -44.13 -24.03 2.21
N THR B 3 -43.87 -24.76 3.28
CA THR B 3 -43.47 -24.16 4.53
C THR B 3 -41.95 -24.33 4.65
N ALA B 4 -41.26 -23.22 4.87
CA ALA B 4 -39.81 -23.16 4.92
C ALA B 4 -39.30 -22.60 6.26
N GLN B 5 -38.00 -22.81 6.53
CA GLN B 5 -37.35 -22.32 7.72
C GLN B 5 -36.20 -21.44 7.32
N ALA B 6 -36.00 -20.33 8.03
CA ALA B 6 -34.87 -19.46 7.79
C ALA B 6 -34.22 -19.07 9.10
N VAL B 7 -32.89 -18.97 9.11
CA VAL B 7 -32.16 -18.55 10.30
C VAL B 7 -32.05 -17.04 10.24
N LEU B 8 -32.59 -16.37 11.26
CA LEU B 8 -32.68 -14.89 11.29
C LEU B 8 -32.16 -14.28 12.58
N TYR B 9 -31.93 -12.96 12.57
CA TYR B 9 -31.72 -12.20 13.81
C TYR B 9 -32.39 -10.84 13.66
N THR B 10 -32.84 -10.27 14.78
CA THR B 10 -33.44 -8.93 14.83
C THR B 10 -32.44 -7.87 15.33
N GLN B 11 -31.35 -8.34 15.96
CA GLN B 11 -30.27 -7.46 16.36
C GLN B 11 -28.90 -8.14 16.21
N HIS B 12 -27.90 -7.33 15.87
CA HIS B 12 -26.56 -7.81 15.75
C HIS B 12 -26.07 -8.31 17.10
N GLY B 13 -25.17 -9.29 17.06
CA GLY B 13 -24.51 -9.79 18.26
C GLY B 13 -23.86 -11.11 17.93
N GLU B 14 -23.47 -11.85 18.95
CA GLU B 14 -22.86 -13.14 18.72
C GLU B 14 -23.94 -14.13 18.27
N PRO B 15 -23.66 -14.99 17.28
CA PRO B 15 -24.64 -16.01 16.81
C PRO B 15 -25.32 -16.80 17.94
N LYS B 16 -24.54 -17.19 18.96
CA LYS B 16 -25.08 -17.98 20.09
C LYS B 16 -26.17 -17.25 20.84
N ASP B 17 -26.15 -15.91 20.81
CA ASP B 17 -27.12 -15.06 21.48
C ASP B 17 -28.30 -14.57 20.62
N VAL B 18 -28.06 -14.26 19.33
CA VAL B 18 -29.06 -13.50 18.55
C VAL B 18 -29.82 -14.34 17.50
N LEU B 19 -29.34 -15.54 17.17
CA LEU B 19 -30.00 -16.33 16.11
C LEU B 19 -31.27 -17.00 16.57
N PHE B 20 -32.25 -17.06 15.66
CA PHE B 20 -33.47 -17.84 15.82
C PHE B 20 -33.96 -18.41 14.47
N THR B 21 -34.95 -19.28 14.53
CA THR B 21 -35.47 -19.91 13.33
C THR B 21 -36.90 -19.43 13.11
N GLN B 22 -37.19 -18.95 11.91
CA GLN B 22 -38.53 -18.47 11.50
C GLN B 22 -39.15 -19.37 10.40
N SER B 23 -40.38 -19.83 10.63
CA SER B 23 -41.12 -20.63 9.68
C SER B 23 -41.83 -19.65 8.76
N PHE B 24 -41.82 -19.88 7.45
CA PHE B 24 -42.52 -18.98 6.54
C PHE B 24 -43.03 -19.75 5.36
N GLU B 25 -43.99 -19.15 4.65
CA GLU B 25 -44.62 -19.81 3.54
C GLU B 25 -44.17 -19.25 2.17
N ILE B 26 -44.14 -20.14 1.19
CA ILE B 26 -43.81 -19.81 -0.18
C ILE B 26 -44.91 -20.43 -0.99
N ASP B 27 -45.60 -19.61 -1.76
CA ASP B 27 -46.72 -20.08 -2.56
C ASP B 27 -46.24 -20.56 -3.93
N ASP B 28 -45.99 -21.85 -4.05
CA ASP B 28 -45.52 -22.46 -5.28
C ASP B 28 -46.59 -22.58 -6.37
N ASP B 29 -47.84 -22.33 -6.02
CA ASP B 29 -48.94 -22.25 -7.00
C ASP B 29 -49.17 -20.85 -7.55
N ASN B 30 -48.44 -19.86 -7.04
CA ASN B 30 -48.64 -18.47 -7.45
C ASN B 30 -47.34 -17.75 -7.84
N LEU B 31 -46.50 -18.45 -8.61
CA LEU B 31 -45.23 -17.87 -9.08
C LEU B 31 -45.48 -16.84 -10.15
N ALA B 32 -44.87 -15.67 -9.98
CA ALA B 32 -44.84 -14.65 -11.04
C ALA B 32 -43.99 -15.20 -12.22
N PRO B 33 -44.16 -14.65 -13.43
CA PRO B 33 -43.49 -15.21 -14.62
C PRO B 33 -41.96 -15.37 -14.53
N ASN B 34 -41.24 -14.50 -13.83
CA ASN B 34 -39.78 -14.59 -13.77
C ASN B 34 -39.27 -15.15 -12.47
N GLU B 35 -40.16 -15.69 -11.65
CA GLU B 35 -39.78 -16.17 -10.32
C GLU B 35 -39.40 -17.66 -10.35
N VAL B 36 -38.57 -18.07 -9.39
CA VAL B 36 -38.19 -19.45 -9.22
C VAL B 36 -38.17 -19.79 -7.72
N ILE B 37 -38.46 -21.03 -7.39
CA ILE B 37 -38.35 -21.54 -6.05
C ILE B 37 -37.18 -22.49 -6.06
N VAL B 38 -36.33 -22.38 -5.04
CA VAL B 38 -35.19 -23.26 -4.87
C VAL B 38 -35.21 -23.87 -3.50
N LYS B 39 -34.60 -25.05 -3.39
CA LYS B 39 -34.51 -25.77 -2.14
C LYS B 39 -33.02 -26.00 -1.86
N THR B 40 -32.60 -25.66 -0.66
CA THR B 40 -31.19 -25.65 -0.31
C THR B 40 -30.63 -27.07 -0.25
N LEU B 41 -29.43 -27.25 -0.79
CA LEU B 41 -28.68 -28.52 -0.68
C LEU B 41 -27.61 -28.45 0.39
N GLY B 42 -26.91 -27.31 0.43
CA GLY B 42 -25.93 -27.07 1.46
C GLY B 42 -25.45 -25.62 1.50
N SER B 43 -25.09 -25.17 2.69
CA SER B 43 -24.50 -23.84 2.84
C SER B 43 -23.48 -23.84 3.97
N PRO B 44 -22.29 -23.28 3.71
CA PRO B 44 -21.21 -23.30 4.67
C PRO B 44 -21.28 -22.13 5.62
N ILE B 45 -20.46 -22.22 6.65
CA ILE B 45 -20.22 -21.13 7.58
C ILE B 45 -18.83 -20.56 7.32
N ASN B 46 -18.80 -19.30 6.92
CA ASN B 46 -17.55 -18.59 6.71
C ASN B 46 -17.38 -17.50 7.77
N PRO B 47 -16.14 -17.07 8.07
CA PRO B 47 -15.89 -15.97 8.99
C PRO B 47 -16.73 -14.73 8.65
N SER B 48 -16.81 -14.38 7.38
CA SER B 48 -17.57 -13.23 6.96
C SER B 48 -19.04 -13.34 7.33
N ASP B 49 -19.64 -14.54 7.23
CA ASP B 49 -21.04 -14.75 7.65
C ASP B 49 -21.23 -14.45 9.14
N ILE B 50 -20.28 -14.88 9.96
CA ILE B 50 -20.32 -14.64 11.39
C ILE B 50 -20.10 -13.15 11.68
N ASN B 51 -19.16 -12.49 11.00
CA ASN B 51 -18.85 -11.07 11.27
C ASN B 51 -20.04 -10.20 10.87
N GLN B 52 -20.75 -10.64 9.84
CA GLN B 52 -21.96 -9.97 9.36
C GLN B 52 -23.01 -9.93 10.51
N ILE B 53 -23.25 -11.09 11.10
CA ILE B 53 -24.21 -11.22 12.20
C ILE B 53 -23.75 -10.37 13.39
N GLN B 54 -22.44 -10.38 13.65
CA GLN B 54 -21.85 -9.63 14.75
C GLN B 54 -21.97 -8.13 14.58
N GLY B 55 -22.20 -7.64 13.37
CA GLY B 55 -22.35 -6.21 13.13
C GLY B 55 -21.04 -5.51 12.80
N VAL B 56 -19.98 -6.26 12.48
CA VAL B 56 -18.67 -5.68 12.20
C VAL B 56 -18.19 -5.90 10.77
N TYR B 57 -19.10 -6.27 9.87
CA TYR B 57 -18.78 -6.47 8.46
C TYR B 57 -19.70 -5.55 7.65
N PRO B 58 -19.13 -4.62 6.88
CA PRO B 58 -19.91 -3.53 6.29
C PRO B 58 -20.62 -3.88 4.96
N SER B 59 -20.92 -5.13 4.72
CA SER B 59 -21.83 -5.51 3.65
C SER B 59 -22.73 -6.54 4.29
N LYS B 60 -24.00 -6.23 4.36
CA LYS B 60 -24.98 -7.06 5.05
C LYS B 60 -26.37 -6.93 4.45
N PRO B 61 -27.18 -7.97 4.60
CA PRO B 61 -28.57 -7.92 4.17
C PRO B 61 -29.36 -6.96 5.07
N ALA B 62 -30.26 -6.20 4.48
CA ALA B 62 -31.18 -5.37 5.21
C ALA B 62 -32.11 -6.25 6.08
N LYS B 63 -32.38 -5.77 7.28
CA LYS B 63 -33.42 -6.33 8.12
C LYS B 63 -34.74 -5.98 7.43
N THR B 64 -35.58 -6.97 7.18
CA THR B 64 -36.92 -6.73 6.65
C THR B 64 -37.97 -7.56 7.41
N THR B 65 -39.23 -7.24 7.14
CA THR B 65 -40.35 -8.03 7.64
C THR B 65 -40.74 -9.13 6.65
N GLY B 66 -39.90 -9.36 5.66
CA GLY B 66 -40.21 -10.30 4.59
C GLY B 66 -40.50 -11.73 5.00
N PHE B 67 -39.99 -12.16 6.15
CA PHE B 67 -40.22 -13.53 6.61
C PHE B 67 -41.43 -13.60 7.50
N GLY B 68 -42.18 -12.51 7.60
CA GLY B 68 -43.39 -12.48 8.41
C GLY B 68 -43.16 -12.25 9.89
N THR B 69 -42.05 -11.62 10.24
CA THR B 69 -41.72 -11.42 11.64
C THR B 69 -42.39 -10.20 12.20
N ALA B 70 -42.36 -10.11 13.53
CA ALA B 70 -42.97 -8.99 14.26
C ALA B 70 -42.08 -7.77 14.17
N GLU B 71 -40.79 -7.99 14.06
CA GLU B 71 -39.82 -6.92 13.88
C GLU B 71 -38.98 -7.21 12.65
N PRO B 72 -38.34 -6.20 12.10
CA PRO B 72 -37.38 -6.41 11.01
C PRO B 72 -36.29 -7.37 11.43
N ALA B 73 -36.00 -8.29 10.52
CA ALA B 73 -35.04 -9.32 10.78
C ALA B 73 -34.19 -9.58 9.56
N ALA B 74 -32.92 -9.92 9.79
CA ALA B 74 -32.01 -10.21 8.71
C ALA B 74 -31.73 -11.71 8.64
N PRO B 75 -31.61 -12.23 7.42
CA PRO B 75 -31.21 -13.61 7.23
C PRO B 75 -29.70 -13.68 7.31
N CYS B 76 -29.19 -14.90 7.15
CA CYS B 76 -27.76 -15.20 7.40
C CYS B 76 -27.19 -16.06 6.30
N GLY B 77 -25.90 -15.87 6.00
CA GLY B 77 -25.20 -16.71 5.06
C GLY B 77 -25.17 -16.06 3.71
N ASN B 78 -23.99 -16.10 3.07
CA ASN B 78 -23.81 -15.49 1.77
C ASN B 78 -23.55 -16.48 0.65
N GLU B 79 -23.14 -17.66 0.99
CA GLU B 79 -22.97 -18.66 -0.03
C GLU B 79 -23.72 -19.94 0.25
N GLY B 80 -24.05 -20.62 -0.83
CA GLY B 80 -24.87 -21.82 -0.77
C GLY B 80 -25.18 -22.39 -2.14
N LEU B 81 -25.47 -23.69 -2.14
CA LEU B 81 -25.91 -24.45 -3.29
C LEU B 81 -27.37 -24.84 -3.09
N PHE B 82 -28.16 -24.65 -4.14
CA PHE B 82 -29.59 -24.90 -4.10
C PHE B 82 -29.98 -25.67 -5.37
N GLU B 83 -31.12 -26.34 -5.28
CA GLU B 83 -31.69 -27.06 -6.38
C GLU B 83 -32.96 -26.31 -6.78
N VAL B 84 -33.17 -26.11 -8.08
CA VAL B 84 -34.37 -25.44 -8.57
C VAL B 84 -35.54 -26.39 -8.50
N ILE B 85 -36.64 -25.95 -7.91
CA ILE B 85 -37.82 -26.79 -7.69
C ILE B 85 -38.90 -26.49 -8.71
N LYS B 86 -39.12 -25.21 -8.97
CA LYS B 86 -40.18 -24.78 -9.89
C LYS B 86 -39.86 -23.41 -10.42
N VAL B 87 -40.25 -23.15 -11.66
CA VAL B 87 -39.99 -21.88 -12.33
C VAL B 87 -41.26 -21.30 -12.91
N GLY B 88 -41.32 -19.98 -12.99
CA GLY B 88 -42.46 -19.26 -13.56
C GLY B 88 -42.54 -19.37 -15.07
N SER B 89 -43.60 -18.84 -15.63
CA SER B 89 -43.98 -19.09 -17.02
C SER B 89 -43.03 -18.47 -18.05
N ASN B 90 -42.29 -17.45 -17.64
CA ASN B 90 -41.35 -16.76 -18.52
C ASN B 90 -39.87 -17.14 -18.27
N VAL B 91 -39.59 -18.15 -17.44
CA VAL B 91 -38.22 -18.50 -17.11
C VAL B 91 -37.67 -19.52 -18.07
N SER B 92 -36.61 -19.14 -18.79
CA SER B 92 -35.95 -20.07 -19.70
C SER B 92 -34.52 -20.45 -19.28
N SER B 93 -33.91 -19.66 -18.42
CA SER B 93 -32.50 -19.86 -18.00
C SER B 93 -32.31 -20.99 -16.95
N LEU B 94 -33.40 -21.34 -16.30
CA LEU B 94 -33.41 -22.34 -15.28
C LEU B 94 -34.57 -23.28 -15.47
N GLU B 95 -34.38 -24.52 -15.04
CA GLU B 95 -35.48 -25.47 -14.93
C GLU B 95 -35.31 -26.41 -13.76
N ALA B 96 -36.39 -27.11 -13.43
CA ALA B 96 -36.46 -27.98 -12.26
C ALA B 96 -35.31 -28.96 -12.32
N GLY B 97 -34.59 -29.08 -11.22
CA GLY B 97 -33.50 -30.03 -11.10
C GLY B 97 -32.14 -29.32 -11.27
N ASP B 98 -32.11 -28.09 -11.79
CA ASP B 98 -30.85 -27.39 -11.97
C ASP B 98 -30.24 -27.05 -10.61
N TRP B 99 -28.91 -26.99 -10.59
CA TRP B 99 -28.16 -26.47 -9.47
C TRP B 99 -27.88 -24.98 -9.69
N VAL B 100 -28.02 -24.21 -8.61
CA VAL B 100 -27.70 -22.79 -8.60
C VAL B 100 -27.04 -22.32 -7.31
N ILE B 101 -26.25 -21.25 -7.43
CA ILE B 101 -25.80 -20.42 -6.30
C ILE B 101 -26.44 -19.05 -6.42
N PRO B 102 -26.45 -18.25 -5.35
CA PRO B 102 -26.94 -16.87 -5.46
C PRO B 102 -26.06 -16.06 -6.42
N SER B 103 -26.69 -15.22 -7.22
CA SER B 103 -25.94 -14.34 -8.08
C SER B 103 -25.29 -13.18 -7.31
N HIS B 104 -25.81 -12.85 -6.12
CA HIS B 104 -25.28 -11.73 -5.31
C HIS B 104 -25.04 -12.13 -3.85
N VAL B 105 -24.21 -11.36 -3.16
CA VAL B 105 -23.99 -11.55 -1.73
C VAL B 105 -25.27 -11.12 -1.00
N ASN B 106 -25.30 -11.37 0.30
CA ASN B 106 -26.40 -10.94 1.15
C ASN B 106 -27.73 -11.60 0.83
N PHE B 107 -27.71 -12.77 0.19
CA PHE B 107 -28.98 -13.41 -0.18
C PHE B 107 -29.65 -14.07 1.04
N GLY B 108 -28.83 -14.58 1.94
CA GLY B 108 -29.33 -15.37 3.06
C GLY B 108 -29.42 -16.83 2.62
N THR B 109 -28.41 -17.63 2.95
CA THR B 109 -28.38 -19.03 2.53
C THR B 109 -28.58 -20.04 3.65
N TRP B 110 -28.75 -19.54 4.88
CA TRP B 110 -28.97 -20.43 6.03
C TRP B 110 -30.46 -20.59 6.19
N ARG B 111 -31.00 -21.43 5.34
CA ARG B 111 -32.43 -21.68 5.27
C ARG B 111 -32.73 -22.88 4.36
N THR B 112 -33.97 -23.34 4.37
CA THR B 112 -34.31 -24.55 3.67
C THR B 112 -34.72 -24.29 2.22
N HIS B 113 -35.27 -23.11 1.95
CA HIS B 113 -35.89 -22.79 0.66
C HIS B 113 -35.83 -21.28 0.43
N ALA B 114 -35.98 -20.88 -0.83
CA ALA B 114 -36.07 -19.47 -1.19
C ALA B 114 -36.86 -19.25 -2.48
N LEU B 115 -37.58 -18.15 -2.49
CA LEU B 115 -38.29 -17.67 -3.67
C LEU B 115 -37.50 -16.48 -4.15
N GLY B 116 -37.14 -16.45 -5.42
CA GLY B 116 -36.53 -15.27 -6.01
C GLY B 116 -36.79 -15.16 -7.51
N ASN B 117 -36.18 -14.16 -8.14
CA ASN B 117 -36.17 -14.06 -9.58
C ASN B 117 -35.05 -14.89 -10.18
N ASP B 118 -35.26 -15.34 -11.42
CA ASP B 118 -34.30 -16.16 -12.12
C ASP B 118 -32.91 -15.53 -12.16
N ASP B 119 -32.83 -14.21 -12.15
CA ASP B 119 -31.51 -13.56 -12.11
C ASP B 119 -30.92 -13.33 -10.70
N ASP B 120 -31.58 -13.79 -9.64
CA ASP B 120 -30.98 -13.87 -8.28
C ASP B 120 -30.04 -15.08 -8.10
N PHE B 121 -29.98 -15.86 -9.16
CA PHE B 121 -29.23 -17.11 -9.21
C PHE B 121 -28.32 -17.28 -10.43
N ILE B 122 -27.22 -18.04 -10.21
CA ILE B 122 -26.33 -18.48 -11.27
C ILE B 122 -26.32 -19.97 -11.31
N LYS B 123 -26.52 -20.50 -12.51
CA LYS B 123 -26.60 -21.94 -12.73
C LYS B 123 -25.19 -22.56 -12.70
N LEU B 124 -25.05 -23.68 -12.00
CA LEU B 124 -23.88 -24.52 -12.03
C LEU B 124 -24.34 -25.83 -12.69
N PRO B 125 -23.47 -26.57 -13.36
CA PRO B 125 -23.88 -27.90 -13.84
C PRO B 125 -24.04 -28.84 -12.66
N ASN B 126 -25.16 -29.55 -12.63
CA ASN B 126 -25.32 -30.65 -11.67
C ASN B 126 -24.61 -31.90 -12.19
N PRO B 127 -24.37 -32.89 -11.34
CA PRO B 127 -23.59 -34.04 -11.80
C PRO B 127 -24.15 -34.75 -13.06
N ALA B 128 -25.45 -34.90 -13.21
CA ALA B 128 -25.99 -35.58 -14.39
C ALA B 128 -25.61 -34.83 -15.67
N GLN B 129 -25.60 -33.49 -15.57
CA GLN B 129 -25.31 -32.63 -16.72
C GLN B 129 -23.81 -32.64 -17.08
N SER B 130 -22.93 -32.66 -16.07
CA SER B 130 -21.50 -32.76 -16.28
C SER B 130 -21.20 -34.10 -16.98
N LYS B 131 -21.85 -35.15 -16.51
CA LYS B 131 -21.69 -36.49 -17.10
C LYS B 131 -22.14 -36.56 -18.55
N ALA B 132 -23.31 -36.02 -18.83
CA ALA B 132 -23.83 -35.96 -20.21
C ALA B 132 -22.97 -35.04 -21.09
N ASN B 133 -22.25 -34.10 -20.49
CA ASN B 133 -21.36 -33.23 -21.25
C ASN B 133 -19.97 -33.89 -21.45
N GLY B 134 -19.84 -35.14 -21.03
CA GLY B 134 -18.64 -35.94 -21.21
C GLY B 134 -17.49 -35.68 -20.23
N LYS B 135 -17.76 -34.92 -19.18
CA LYS B 135 -16.73 -34.54 -18.22
C LYS B 135 -16.43 -35.69 -17.27
N PRO B 136 -15.17 -35.86 -16.89
CA PRO B 136 -14.81 -37.02 -16.04
C PRO B 136 -15.28 -36.89 -14.60
N ASN B 137 -15.71 -35.71 -14.18
CA ASN B 137 -16.25 -35.52 -12.83
C ASN B 137 -17.40 -34.55 -12.88
N GLY B 138 -18.30 -34.70 -11.91
CA GLY B 138 -19.27 -33.68 -11.58
C GLY B 138 -18.90 -33.07 -10.23
N LEU B 139 -19.50 -31.93 -9.94
CA LEU B 139 -19.25 -31.21 -8.71
C LEU B 139 -19.89 -31.95 -7.56
N THR B 140 -19.24 -31.94 -6.41
CA THR B 140 -19.92 -32.39 -5.21
C THR B 140 -20.72 -31.22 -4.65
N ILE B 141 -21.59 -31.54 -3.71
CA ILE B 141 -22.36 -30.54 -2.96
C ILE B 141 -21.46 -29.53 -2.24
N ASN B 142 -20.47 -30.02 -1.52
CA ASN B 142 -19.52 -29.14 -0.90
C ASN B 142 -18.82 -28.19 -1.92
N GLN B 143 -18.38 -28.72 -3.06
CA GLN B 143 -17.75 -27.90 -4.10
C GLN B 143 -18.64 -26.80 -4.61
N GLY B 144 -19.88 -27.17 -4.86
CA GLY B 144 -20.89 -26.22 -5.36
C GLY B 144 -21.19 -25.16 -4.31
N ALA B 145 -21.33 -25.60 -3.06
CA ALA B 145 -21.77 -24.75 -1.97
C ALA B 145 -20.68 -23.78 -1.49
N THR B 146 -19.40 -24.08 -1.74
CA THR B 146 -18.27 -23.20 -1.36
C THR B 146 -17.54 -22.58 -2.55
N ILE B 147 -18.13 -22.64 -3.74
CA ILE B 147 -17.43 -22.24 -4.93
C ILE B 147 -17.26 -20.72 -5.06
N SER B 148 -18.07 -19.97 -4.34
CA SER B 148 -18.27 -18.58 -4.69
C SER B 148 -17.44 -17.55 -3.90
N VAL B 149 -16.70 -17.98 -2.87
CA VAL B 149 -15.88 -17.07 -2.10
C VAL B 149 -14.39 -17.45 -2.18
N ASN B 150 -14.03 -18.59 -1.62
CA ASN B 150 -12.61 -18.93 -1.51
C ASN B 150 -11.87 -19.20 -2.84
N PRO B 151 -12.41 -20.02 -3.74
CA PRO B 151 -11.77 -20.26 -5.03
C PRO B 151 -11.65 -18.99 -5.90
N LEU B 152 -12.68 -18.17 -5.91
CA LEU B 152 -12.65 -16.93 -6.70
C LEU B 152 -11.61 -15.95 -6.16
N THR B 153 -11.48 -15.92 -4.84
CA THR B 153 -10.50 -15.07 -4.15
C THR B 153 -9.12 -15.46 -4.59
N ALA B 154 -8.82 -16.75 -4.53
CA ALA B 154 -7.47 -17.21 -4.90
C ALA B 154 -7.19 -16.89 -6.37
N TYR B 155 -8.17 -17.18 -7.23
CA TYR B 155 -7.99 -17.00 -8.68
C TYR B 155 -7.76 -15.52 -9.02
N LEU B 156 -8.62 -14.68 -8.49
CA LEU B 156 -8.54 -13.27 -8.81
C LEU B 156 -7.27 -12.60 -8.29
N MET B 157 -6.86 -12.89 -7.07
CA MET B 157 -5.63 -12.30 -6.57
C MET B 157 -4.44 -12.65 -7.43
N LEU B 158 -4.45 -13.88 -7.98
CA LEU B 158 -3.35 -14.37 -8.78
C LEU B 158 -3.33 -13.85 -10.22
N THR B 159 -4.47 -13.41 -10.73
CA THR B 159 -4.60 -13.05 -12.14
C THR B 159 -5.00 -11.61 -12.43
N HIS B 160 -5.64 -10.92 -11.48
CA HIS B 160 -6.25 -9.64 -11.79
C HIS B 160 -5.37 -8.41 -11.55
N TYR B 161 -4.21 -8.56 -10.92
CA TYR B 161 -3.47 -7.41 -10.43
C TYR B 161 -2.10 -7.26 -11.04
N VAL B 162 -1.22 -8.23 -10.85
CA VAL B 162 0.08 -8.22 -11.49
C VAL B 162 0.15 -9.43 -12.36
N LYS B 163 0.76 -9.26 -13.53
CA LYS B 163 0.94 -10.35 -14.49
C LYS B 163 2.26 -11.04 -14.20
N LEU B 164 2.17 -12.28 -13.75
CA LEU B 164 3.35 -13.10 -13.51
C LEU B 164 3.69 -13.84 -14.81
N THR B 165 4.97 -13.86 -15.19
CA THR B 165 5.42 -14.61 -16.37
C THR B 165 5.40 -16.10 -16.09
N PRO B 166 4.61 -16.85 -16.86
CA PRO B 166 4.55 -18.30 -16.66
C PRO B 166 5.90 -18.95 -16.80
N GLY B 167 6.16 -19.91 -15.93
CA GLY B 167 7.39 -20.65 -15.90
C GLY B 167 8.53 -19.91 -15.27
N LYS B 168 8.37 -18.66 -14.87
CA LYS B 168 9.46 -17.85 -14.30
C LYS B 168 9.15 -17.20 -12.96
N ASP B 169 8.11 -16.39 -12.91
CA ASP B 169 7.82 -15.51 -11.78
C ASP B 169 7.21 -16.24 -10.60
N TRP B 170 7.26 -15.57 -9.45
CA TRP B 170 6.85 -16.14 -8.17
C TRP B 170 5.82 -15.29 -7.43
N PHE B 171 4.90 -15.96 -6.73
CA PHE B 171 4.19 -15.29 -5.64
C PHE B 171 4.56 -15.91 -4.34
N ILE B 172 4.40 -15.18 -3.25
CA ILE B 172 4.59 -15.73 -1.93
C ILE B 172 3.30 -15.47 -1.13
N GLN B 173 2.95 -16.41 -0.27
CA GLN B 173 1.75 -16.28 0.56
C GLN B 173 2.00 -16.83 1.95
N ASN B 174 1.36 -16.23 2.93
CA ASN B 174 1.26 -16.81 4.25
C ASN B 174 -0.13 -17.47 4.38
N GLY B 175 -0.43 -18.01 5.55
CA GLY B 175 -1.59 -18.87 5.74
C GLY B 175 -1.66 -19.99 4.69
N GLY B 176 -0.52 -20.63 4.47
CA GLY B 176 -0.39 -21.58 3.37
C GLY B 176 -1.28 -22.81 3.49
N THR B 177 -1.76 -23.14 4.68
CA THR B 177 -2.68 -24.25 4.84
C THR B 177 -4.16 -23.81 4.93
N SER B 178 -4.44 -22.52 4.77
CA SER B 178 -5.82 -22.05 4.77
C SER B 178 -6.50 -22.52 3.49
N ALA B 179 -7.81 -22.42 3.45
CA ALA B 179 -8.56 -22.81 2.28
C ALA B 179 -8.09 -22.03 1.05
N VAL B 180 -8.00 -20.70 1.16
CA VAL B 180 -7.52 -19.90 0.03
C VAL B 180 -6.10 -20.21 -0.34
N GLY B 181 -5.26 -20.45 0.65
CA GLY B 181 -3.88 -20.78 0.40
C GLY B 181 -3.72 -22.05 -0.42
N LYS B 182 -4.52 -23.05 -0.08
CA LYS B 182 -4.50 -24.32 -0.79
C LYS B 182 -5.04 -24.19 -2.21
N TYR B 183 -6.09 -23.39 -2.42
CA TYR B 183 -6.53 -23.08 -3.77
C TYR B 183 -5.46 -22.31 -4.55
N ALA B 184 -4.78 -21.36 -3.90
CA ALA B 184 -3.77 -20.56 -4.58
C ALA B 184 -2.62 -21.43 -5.07
N SER B 185 -2.23 -22.41 -4.28
CA SER B 185 -1.16 -23.31 -4.66
C SER B 185 -1.55 -24.12 -5.90
N GLN B 186 -2.79 -24.61 -5.90
CA GLN B 186 -3.32 -25.38 -7.05
C GLN B 186 -3.46 -24.52 -8.30
N ILE B 187 -3.98 -23.31 -8.15
CA ILE B 187 -4.15 -22.43 -9.28
C ILE B 187 -2.80 -21.97 -9.78
N GLY B 188 -1.90 -21.66 -8.86
CA GLY B 188 -0.53 -21.34 -9.26
C GLY B 188 0.09 -22.45 -10.10
N LYS B 189 -0.11 -23.69 -9.71
CA LYS B 189 0.38 -24.81 -10.52
C LYS B 189 -0.29 -24.83 -11.87
N LEU B 190 -1.61 -24.60 -11.93
CA LEU B 190 -2.30 -24.58 -13.22
C LEU B 190 -1.85 -23.47 -14.17
N LEU B 191 -1.56 -22.30 -13.61
CA LEU B 191 -1.08 -21.15 -14.38
C LEU B 191 0.44 -21.16 -14.64
N ASN B 192 1.13 -22.15 -14.11
CA ASN B 192 2.57 -22.29 -14.26
C ASN B 192 3.34 -21.16 -13.55
N PHE B 193 2.82 -20.70 -12.40
CA PHE B 193 3.54 -19.76 -11.53
C PHE B 193 4.30 -20.52 -10.46
N ASN B 194 5.50 -20.06 -10.14
CA ASN B 194 6.24 -20.55 -8.99
C ASN B 194 5.70 -19.91 -7.72
N SER B 195 5.76 -20.63 -6.60
CA SER B 195 5.26 -20.07 -5.37
C SER B 195 6.00 -20.57 -4.17
N ILE B 196 6.06 -19.73 -3.17
CA ILE B 196 6.45 -20.11 -1.85
C ILE B 196 5.26 -19.94 -0.91
N SER B 197 4.93 -21.00 -0.17
CA SER B 197 3.92 -20.95 0.85
C SER B 197 4.63 -20.87 2.17
N VAL B 198 4.19 -19.94 3.00
CA VAL B 198 4.72 -19.79 4.36
C VAL B 198 3.62 -20.31 5.27
N ILE B 199 3.97 -21.23 6.16
CA ILE B 199 3.02 -21.84 7.07
C ILE B 199 3.57 -21.86 8.50
N ARG B 200 2.69 -22.08 9.45
CA ARG B 200 3.09 -22.31 10.84
C ARG B 200 3.75 -23.68 10.96
N ASP B 201 4.77 -23.73 11.78
CA ASP B 201 5.42 -24.98 12.10
C ASP B 201 4.38 -25.86 12.81
N ARG B 202 4.50 -27.17 12.66
CA ARG B 202 3.58 -28.12 13.30
C ARG B 202 4.24 -29.49 13.37
N PRO B 203 3.70 -30.40 14.18
CA PRO B 203 4.38 -31.69 14.38
C PRO B 203 4.44 -32.58 13.15
N ASN B 204 3.49 -32.49 12.25
CA ASN B 204 3.55 -33.39 11.11
C ASN B 204 4.07 -32.60 9.89
N LEU B 205 5.11 -31.79 10.11
CA LEU B 205 5.57 -30.81 9.13
C LEU B 205 5.94 -31.42 7.79
N ASP B 206 6.73 -32.51 7.78
CA ASP B 206 7.15 -33.16 6.54
C ASP B 206 5.96 -33.58 5.65
N GLU B 207 4.93 -34.14 6.28
CA GLU B 207 3.69 -34.55 5.60
C GLU B 207 2.87 -33.36 5.06
N VAL B 208 2.83 -32.27 5.81
CA VAL B 208 2.09 -31.07 5.39
C VAL B 208 2.83 -30.45 4.22
N VAL B 209 4.16 -30.37 4.29
CA VAL B 209 4.95 -29.85 3.21
C VAL B 209 4.75 -30.66 1.92
N ALA B 210 4.79 -31.99 2.02
CA ALA B 210 4.65 -32.84 0.83
C ALA B 210 3.25 -32.66 0.20
N SER B 211 2.27 -32.58 1.06
CA SER B 211 0.89 -32.36 0.64
C SER B 211 0.71 -30.99 -0.08
N LEU B 212 1.29 -29.92 0.44
CA LEU B 212 1.19 -28.62 -0.23
C LEU B 212 1.95 -28.60 -1.53
N LYS B 213 3.11 -29.28 -1.56
CA LYS B 213 3.88 -29.37 -2.78
C LYS B 213 3.12 -30.19 -3.84
N GLU B 214 2.44 -31.25 -3.44
CA GLU B 214 1.56 -31.98 -4.37
C GLU B 214 0.41 -31.08 -4.91
N LEU B 215 -0.12 -30.21 -4.06
CA LEU B 215 -1.13 -29.24 -4.52
C LEU B 215 -0.56 -28.27 -5.55
N GLY B 216 0.72 -27.93 -5.40
CA GLY B 216 1.38 -27.05 -6.35
C GLY B 216 2.29 -25.98 -5.81
N ALA B 217 2.46 -25.87 -4.49
CA ALA B 217 3.49 -24.98 -3.96
C ALA B 217 4.88 -25.44 -4.43
N THR B 218 5.71 -24.53 -4.91
CA THR B 218 7.07 -24.87 -5.35
C THR B 218 7.94 -25.10 -4.16
N GLN B 219 7.82 -24.21 -3.17
CA GLN B 219 8.56 -24.36 -1.93
C GLN B 219 7.63 -24.04 -0.76
N VAL B 220 7.92 -24.64 0.37
CA VAL B 220 7.16 -24.39 1.58
C VAL B 220 8.12 -24.09 2.73
N ILE B 221 7.90 -22.99 3.42
CA ILE B 221 8.72 -22.64 4.59
C ILE B 221 7.84 -22.32 5.78
N THR B 222 8.42 -22.39 6.98
CA THR B 222 7.66 -22.04 8.17
C THR B 222 7.83 -20.59 8.44
N GLU B 223 7.01 -20.06 9.34
CA GLU B 223 7.10 -18.67 9.79
C GLU B 223 8.47 -18.37 10.46
N ASP B 224 9.03 -19.36 11.17
CA ASP B 224 10.39 -19.22 11.75
C ASP B 224 11.45 -19.04 10.67
N GLN B 225 11.33 -19.82 9.61
CA GLN B 225 12.21 -19.68 8.47
C GLN B 225 12.02 -18.35 7.72
N ASN B 226 10.77 -17.90 7.55
CA ASN B 226 10.40 -16.58 7.01
C ASN B 226 11.05 -15.45 7.83
N ASN B 227 11.18 -15.63 9.15
CA ASN B 227 11.71 -14.60 10.05
C ASN B 227 13.24 -14.62 10.12
N SER B 228 13.86 -15.68 9.62
CA SER B 228 15.26 -15.98 9.88
C SER B 228 16.19 -15.31 8.83
N LYS B 229 17.05 -14.41 9.31
CA LYS B 229 18.04 -13.70 8.46
C LYS B 229 18.94 -14.71 7.73
N GLU B 230 19.28 -15.76 8.46
CA GLU B 230 20.23 -16.78 8.07
C GLU B 230 19.68 -17.85 7.13
N PHE B 231 18.36 -18.06 7.18
CA PHE B 231 17.66 -18.88 6.19
C PHE B 231 17.41 -18.10 4.89
N GLY B 232 17.51 -16.78 4.96
CA GLY B 232 17.12 -15.89 3.87
C GLY B 232 17.83 -15.99 2.52
N PRO B 233 19.11 -16.35 2.50
CA PRO B 233 19.81 -16.59 1.23
C PRO B 233 19.26 -17.79 0.47
N THR B 234 18.78 -18.84 1.13
CA THR B 234 18.14 -19.94 0.44
C THR B 234 17.04 -19.43 -0.54
N ILE B 235 16.20 -18.49 -0.08
CA ILE B 235 15.08 -17.98 -0.89
C ILE B 235 15.51 -17.14 -2.06
N LYS B 236 16.53 -16.30 -1.87
CA LYS B 236 17.02 -15.51 -2.98
C LYS B 236 17.58 -16.43 -4.09
N GLU B 237 18.21 -17.52 -3.70
CA GLU B 237 18.80 -18.43 -4.70
C GLU B 237 17.67 -19.12 -5.48
N TRP B 238 16.62 -19.58 -4.79
CA TRP B 238 15.48 -20.19 -5.49
C TRP B 238 15.01 -19.30 -6.63
N ILE B 239 14.82 -18.03 -6.33
CA ILE B 239 14.27 -17.11 -7.31
C ILE B 239 15.30 -16.84 -8.41
N LYS B 240 16.56 -16.68 -8.02
CA LYS B 240 17.65 -16.46 -8.99
C LYS B 240 17.71 -17.59 -9.97
N GLN B 241 17.72 -18.82 -9.47
CA GLN B 241 17.82 -20.00 -10.35
C GLN B 241 16.68 -20.11 -11.35
N SER B 242 15.49 -19.62 -10.99
CA SER B 242 14.31 -19.78 -11.84
C SER B 242 14.37 -18.82 -13.04
N GLY B 243 15.18 -17.76 -12.92
CA GLY B 243 15.22 -16.70 -13.91
C GLY B 243 14.09 -15.69 -13.80
N GLY B 244 13.17 -15.84 -12.85
CA GLY B 244 12.11 -14.86 -12.69
C GLY B 244 12.25 -14.01 -11.44
N GLU B 245 11.14 -13.37 -11.05
CA GLU B 245 11.12 -12.46 -9.90
C GLU B 245 9.89 -12.74 -8.99
N ALA B 246 10.03 -12.46 -7.70
CA ALA B 246 8.91 -12.50 -6.76
C ALA B 246 8.18 -11.17 -6.84
N LYS B 247 7.02 -11.19 -7.47
CA LYS B 247 6.26 -9.97 -7.81
C LYS B 247 5.02 -9.70 -6.96
N LEU B 248 4.54 -10.73 -6.27
CA LEU B 248 3.26 -10.69 -5.60
C LEU B 248 3.31 -11.44 -4.27
N ALA B 249 2.79 -10.77 -3.24
CA ALA B 249 2.61 -11.35 -1.91
C ALA B 249 1.14 -11.33 -1.53
N LEU B 250 0.66 -12.47 -1.06
CA LEU B 250 -0.68 -12.62 -0.54
C LEU B 250 -0.61 -12.73 0.96
N ASN B 251 -1.20 -11.75 1.65
CA ASN B 251 -1.19 -11.68 3.10
C ASN B 251 -2.58 -11.90 3.70
N CYS B 252 -2.70 -12.86 4.62
CA CYS B 252 -3.94 -13.04 5.43
C CYS B 252 -3.61 -13.12 6.91
N VAL B 253 -2.38 -12.75 7.29
CA VAL B 253 -1.92 -12.89 8.67
C VAL B 253 -1.61 -11.56 9.34
N GLY B 254 -0.88 -10.67 8.68
CA GLY B 254 -0.46 -9.46 9.35
C GLY B 254 0.82 -9.64 10.16
N GLY B 255 1.11 -8.59 10.91
CA GLY B 255 2.28 -8.50 11.76
C GLY B 255 3.58 -8.95 11.13
N LYS B 256 4.38 -9.64 11.93
CA LYS B 256 5.70 -10.11 11.51
C LYS B 256 5.62 -10.96 10.24
N SER B 257 4.59 -11.76 10.11
CA SER B 257 4.48 -12.61 8.90
C SER B 257 4.36 -11.73 7.64
N SER B 258 3.58 -10.66 7.71
CA SER B 258 3.43 -9.74 6.59
C SER B 258 4.75 -9.08 6.21
N THR B 259 5.49 -8.62 7.22
CA THR B 259 6.82 -8.12 7.07
C THR B 259 7.75 -9.10 6.36
N GLY B 260 7.80 -10.34 6.86
CA GLY B 260 8.68 -11.36 6.31
C GLY B 260 8.38 -11.64 4.84
N ILE B 261 7.10 -11.69 4.44
CA ILE B 261 6.84 -11.99 3.03
C ILE B 261 7.09 -10.78 2.12
N ALA B 262 6.85 -9.59 2.64
CA ALA B 262 7.08 -8.35 1.87
C ALA B 262 8.55 -8.23 1.53
N ARG B 263 9.42 -8.63 2.46
CA ARG B 263 10.87 -8.48 2.29
C ARG B 263 11.39 -9.47 1.25
N LYS B 264 10.65 -10.55 0.97
CA LYS B 264 11.12 -11.49 -0.03
C LYS B 264 10.82 -11.07 -1.45
N LEU B 265 10.00 -10.05 -1.64
CA LEU B 265 9.69 -9.62 -3.00
C LEU B 265 10.88 -8.89 -3.64
N ASN B 266 10.97 -8.97 -4.96
CA ASN B 266 11.87 -8.12 -5.71
C ASN B 266 11.29 -6.71 -5.73
N ASN B 267 12.08 -5.78 -6.30
CA ASN B 267 11.67 -4.39 -6.52
C ASN B 267 10.36 -4.35 -7.27
N ASN B 268 9.54 -3.33 -7.03
CA ASN B 268 8.26 -3.17 -7.73
C ASN B 268 7.22 -4.21 -7.33
N GLY B 269 7.37 -4.74 -6.13
CA GLY B 269 6.44 -5.71 -5.60
C GLY B 269 5.08 -5.18 -5.16
N LEU B 270 4.09 -6.08 -5.18
CA LEU B 270 2.74 -5.83 -4.74
C LEU B 270 2.33 -6.84 -3.70
N MET B 271 1.85 -6.35 -2.55
CA MET B 271 1.18 -7.18 -1.57
C MET B 271 -0.34 -6.96 -1.63
N LEU B 272 -1.10 -8.04 -1.60
CA LEU B 272 -2.53 -7.96 -1.37
C LEU B 272 -2.88 -8.57 -0.03
N THR B 273 -3.60 -7.79 0.79
CA THR B 273 -4.08 -8.22 2.08
C THR B 273 -5.57 -8.58 1.96
N TYR B 274 -5.87 -9.85 2.17
CA TYR B 274 -7.23 -10.34 2.02
C TYR B 274 -7.79 -10.91 3.30
N GLY B 275 -6.97 -10.92 4.34
CA GLY B 275 -7.45 -11.36 5.65
C GLY B 275 -6.48 -10.94 6.72
N GLY B 276 -6.81 -11.25 7.97
CA GLY B 276 -6.02 -10.82 9.10
C GLY B 276 -6.25 -11.70 10.31
N MET B 277 -5.23 -11.81 11.16
CA MET B 277 -5.31 -12.61 12.39
C MET B 277 -5.37 -11.63 13.57
N SER B 278 -6.60 -11.43 14.06
CA SER B 278 -7.04 -10.46 15.09
C SER B 278 -6.06 -9.45 15.74
N PHE B 279 -6.44 -8.17 15.67
CA PHE B 279 -5.64 -7.01 16.13
C PHE B 279 -4.12 -7.16 15.83
N GLN B 280 -3.83 -7.68 14.63
CA GLN B 280 -2.47 -7.78 14.13
C GLN B 280 -2.35 -6.98 12.81
N PRO B 281 -1.92 -5.73 12.91
CA PRO B 281 -1.87 -4.89 11.71
C PRO B 281 -0.83 -5.32 10.69
N VAL B 282 -1.05 -4.92 9.45
CA VAL B 282 -0.10 -5.12 8.38
C VAL B 282 1.09 -4.22 8.66
N THR B 283 2.28 -4.80 8.71
CA THR B 283 3.48 -4.13 9.21
C THR B 283 4.60 -4.29 8.18
N ILE B 284 4.96 -3.19 7.55
CA ILE B 284 5.88 -3.21 6.45
C ILE B 284 6.96 -2.20 6.72
N PRO B 285 8.21 -2.59 6.58
CA PRO B 285 9.31 -1.64 6.78
C PRO B 285 9.29 -0.53 5.79
N THR B 286 9.60 0.65 6.30
CA THR B 286 9.62 1.90 5.54
C THR B 286 10.49 1.81 4.32
N SER B 287 11.64 1.16 4.48
CA SER B 287 12.61 1.05 3.39
C SER B 287 12.04 0.35 2.16
N LEU B 288 11.10 -0.60 2.35
CA LEU B 288 10.54 -1.29 1.17
C LEU B 288 9.71 -0.34 0.29
N TYR B 289 8.91 0.49 0.93
CA TYR B 289 8.17 1.49 0.20
C TYR B 289 9.10 2.51 -0.48
N ILE B 290 10.10 3.02 0.23
CA ILE B 290 10.91 4.10 -0.36
C ILE B 290 11.90 3.58 -1.42
N PHE B 291 12.61 2.51 -1.10
CA PHE B 291 13.79 2.07 -1.89
C PHE B 291 13.50 0.90 -2.82
N LYS B 292 12.40 0.16 -2.57
CA LYS B 292 12.05 -0.99 -3.42
C LYS B 292 10.75 -0.85 -4.22
N ASN B 293 10.20 0.36 -4.31
CA ASN B 293 8.96 0.62 -5.03
C ASN B 293 7.85 -0.42 -4.71
N PHE B 294 7.70 -0.68 -3.42
CA PHE B 294 6.75 -1.67 -2.88
C PHE B 294 5.41 -0.97 -2.69
N THR B 295 4.33 -1.68 -3.05
CA THR B 295 2.97 -1.24 -2.82
C THR B 295 2.19 -2.30 -2.06
N SER B 296 1.39 -1.88 -1.10
CA SER B 296 0.50 -2.76 -0.35
C SER B 296 -0.95 -2.30 -0.54
N ALA B 297 -1.81 -3.24 -0.90
CA ALA B 297 -3.20 -2.94 -1.19
C ALA B 297 -4.07 -4.06 -0.64
N GLY B 298 -5.37 -3.88 -0.81
CA GLY B 298 -6.35 -4.82 -0.28
C GLY B 298 -7.04 -5.64 -1.33
N PHE B 299 -7.66 -6.73 -0.88
CA PHE B 299 -8.52 -7.53 -1.73
C PHE B 299 -9.77 -7.93 -0.96
N TRP B 300 -10.92 -7.71 -1.58
CA TRP B 300 -12.21 -8.07 -0.99
C TRP B 300 -13.09 -8.49 -2.16
N VAL B 301 -13.30 -9.79 -2.28
CA VAL B 301 -13.98 -10.32 -3.46
C VAL B 301 -15.39 -9.72 -3.58
N THR B 302 -16.04 -9.49 -2.45
CA THR B 302 -17.38 -8.87 -2.43
C THR B 302 -17.48 -7.54 -3.13
N GLU B 303 -16.52 -6.67 -2.85
CA GLU B 303 -16.46 -5.35 -3.44
C GLU B 303 -16.00 -5.42 -4.86
N LEU B 304 -15.02 -6.26 -5.16
CA LEU B 304 -14.49 -6.33 -6.52
C LEU B 304 -15.54 -6.82 -7.51
N LEU B 305 -16.35 -7.80 -7.12
CA LEU B 305 -17.28 -8.41 -8.04
C LEU B 305 -18.63 -7.72 -7.97
N LYS B 306 -18.73 -6.72 -7.09
CA LYS B 306 -19.81 -5.76 -7.14
C LYS B 306 -19.66 -5.04 -8.50
N ASN B 307 -20.77 -5.01 -9.23
CA ASN B 307 -20.88 -4.40 -10.54
C ASN B 307 -19.85 -4.91 -11.53
N ASN B 308 -19.51 -6.20 -11.43
CA ASN B 308 -18.65 -6.83 -12.43
C ASN B 308 -19.04 -8.26 -12.69
N LYS B 309 -20.20 -8.38 -13.35
CA LYS B 309 -20.86 -9.67 -13.61
C LYS B 309 -20.03 -10.53 -14.54
N GLU B 310 -19.39 -9.90 -15.51
CA GLU B 310 -18.61 -10.60 -16.50
C GLU B 310 -17.35 -11.23 -15.86
N LEU B 311 -16.68 -10.47 -14.99
CA LEU B 311 -15.50 -10.96 -14.31
C LEU B 311 -15.91 -12.11 -13.37
N LYS B 312 -17.02 -11.95 -12.64
CA LYS B 312 -17.52 -13.00 -11.74
C LYS B 312 -17.83 -14.29 -12.52
N THR B 313 -18.57 -14.14 -13.62
CA THR B 313 -19.02 -15.24 -14.51
C THR B 313 -17.88 -16.02 -15.08
N SER B 314 -16.96 -15.28 -15.68
CA SER B 314 -15.84 -15.92 -16.31
C SER B 314 -14.87 -16.61 -15.28
N THR B 315 -14.74 -16.07 -14.08
CA THR B 315 -13.91 -16.72 -13.05
C THR B 315 -14.64 -18.00 -12.54
N LEU B 316 -15.91 -17.82 -12.19
CA LEU B 316 -16.76 -18.95 -11.82
C LEU B 316 -16.75 -20.09 -12.85
N ASN B 317 -16.86 -19.75 -14.14
CA ASN B 317 -16.81 -20.79 -15.19
C ASN B 317 -15.52 -21.59 -15.17
N GLN B 318 -14.40 -20.92 -14.94
CA GLN B 318 -13.12 -21.60 -14.91
C GLN B 318 -13.04 -22.52 -13.67
N ILE B 319 -13.48 -22.06 -12.53
CA ILE B 319 -13.43 -22.88 -11.33
C ILE B 319 -14.33 -24.16 -11.47
N ILE B 320 -15.53 -23.99 -12.00
CA ILE B 320 -16.43 -25.11 -12.29
C ILE B 320 -15.77 -26.12 -13.22
N ALA B 321 -15.18 -25.62 -14.30
CA ALA B 321 -14.59 -26.48 -15.29
C ALA B 321 -13.41 -27.23 -14.68
N TRP B 322 -12.69 -26.56 -13.78
CA TRP B 322 -11.53 -27.22 -13.14
C TRP B 322 -11.95 -28.33 -12.20
N TYR B 323 -13.06 -28.16 -11.47
CA TYR B 323 -13.57 -29.26 -10.68
C TYR B 323 -13.98 -30.42 -11.59
N GLU B 324 -14.67 -30.11 -12.68
CA GLU B 324 -15.15 -31.13 -13.62
C GLU B 324 -13.98 -31.90 -14.24
N GLU B 325 -12.90 -31.20 -14.53
CA GLU B 325 -11.76 -31.77 -15.19
C GLU B 325 -10.78 -32.41 -14.19
N GLY B 326 -11.09 -32.39 -12.90
CA GLY B 326 -10.27 -33.03 -11.89
C GLY B 326 -8.98 -32.28 -11.58
N LYS B 327 -8.95 -30.98 -11.83
CA LYS B 327 -7.74 -30.18 -11.72
C LYS B 327 -7.68 -29.36 -10.41
N LEU B 328 -8.80 -29.28 -9.69
CA LEU B 328 -8.87 -28.56 -8.45
C LEU B 328 -9.58 -29.46 -7.42
N THR B 329 -9.10 -29.40 -6.19
CA THR B 329 -9.74 -30.11 -5.09
C THR B 329 -10.01 -29.18 -3.90
N ASP B 330 -11.12 -29.44 -3.24
CA ASP B 330 -11.52 -28.69 -2.09
C ASP B 330 -11.06 -29.40 -0.87
N ALA B 331 -10.92 -28.66 0.24
CA ALA B 331 -10.73 -29.29 1.54
C ALA B 331 -12.08 -29.81 1.97
N LYS B 332 -12.12 -30.96 2.63
CA LYS B 332 -13.37 -31.55 3.08
C LYS B 332 -14.03 -30.76 4.23
N SER B 333 -15.33 -30.59 4.14
CA SER B 333 -16.11 -29.95 5.17
C SER B 333 -16.60 -31.01 6.19
N ILE B 334 -16.87 -30.59 7.42
CA ILE B 334 -17.67 -31.35 8.38
C ILE B 334 -19.15 -31.03 8.13
N GLU B 335 -19.92 -32.05 7.79
CA GLU B 335 -21.29 -31.89 7.31
C GLU B 335 -22.24 -32.20 8.46
N THR B 336 -23.21 -31.30 8.68
CA THR B 336 -24.32 -31.55 9.59
C THR B 336 -25.63 -31.46 8.80
N LEU B 337 -26.36 -32.55 8.79
CA LEU B 337 -27.58 -32.67 8.01
C LEU B 337 -28.76 -32.19 8.83
N TYR B 338 -29.54 -31.27 8.25
CA TYR B 338 -30.80 -30.81 8.84
C TYR B 338 -31.91 -31.81 8.51
N ASP B 339 -32.41 -32.51 9.52
CA ASP B 339 -33.54 -33.42 9.30
C ASP B 339 -34.83 -32.94 9.99
N GLY B 340 -34.79 -31.77 10.63
CA GLY B 340 -35.95 -31.22 11.30
C GLY B 340 -36.19 -31.61 12.77
N THR B 341 -35.33 -32.43 13.37
CA THR B 341 -35.39 -32.73 14.81
C THR B 341 -34.83 -31.67 15.70
N LYS B 342 -33.95 -30.83 15.18
CA LYS B 342 -33.28 -29.81 15.97
C LYS B 342 -33.45 -28.48 15.18
N PRO B 343 -33.76 -27.39 15.87
CA PRO B 343 -33.94 -26.10 15.20
C PRO B 343 -32.76 -25.73 14.27
N LEU B 344 -33.07 -25.27 13.07
CA LEU B 344 -32.02 -24.98 12.10
C LEU B 344 -30.93 -24.05 12.66
N HIS B 345 -31.34 -23.01 13.35
CA HIS B 345 -30.39 -22.04 13.87
C HIS B 345 -29.40 -22.68 14.83
N GLU B 346 -29.81 -23.76 15.47
CA GLU B 346 -28.92 -24.46 16.41
C GLU B 346 -27.81 -25.24 15.71
N LEU B 347 -28.11 -25.81 14.53
CA LEU B 347 -27.05 -26.43 13.71
C LEU B 347 -25.99 -25.38 13.37
N TYR B 348 -26.42 -24.16 13.07
CA TYR B 348 -25.47 -23.12 12.68
C TYR B 348 -24.70 -22.56 13.86
N GLN B 349 -25.37 -22.46 15.01
CA GLN B 349 -24.72 -22.06 16.26
C GLN B 349 -23.64 -23.07 16.66
N ASP B 350 -23.95 -24.35 16.55
CA ASP B 350 -22.96 -25.42 16.80
C ASP B 350 -21.81 -25.28 15.81
N GLY B 351 -22.11 -25.05 14.54
CA GLY B 351 -21.07 -24.88 13.54
C GLY B 351 -20.12 -23.73 13.85
N VAL B 352 -20.69 -22.62 14.31
CA VAL B 352 -19.93 -21.45 14.66
C VAL B 352 -18.99 -21.84 15.85
N ALA B 353 -19.55 -22.40 16.92
CA ALA B 353 -18.74 -22.82 18.05
C ALA B 353 -17.63 -23.83 17.69
N ASN B 354 -17.86 -24.65 16.67
CA ASN B 354 -16.94 -25.71 16.26
C ASN B 354 -16.07 -25.34 15.07
N SER B 355 -15.94 -24.05 14.80
CA SER B 355 -15.17 -23.56 13.66
C SER B 355 -13.70 -24.04 13.59
N LYS B 356 -13.04 -24.21 14.74
CA LYS B 356 -11.64 -24.68 14.76
C LYS B 356 -11.48 -26.11 14.29
N ASP B 357 -12.56 -26.91 14.31
CA ASP B 357 -12.51 -28.28 13.80
C ASP B 357 -12.31 -28.37 12.28
N GLY B 358 -12.72 -27.33 11.56
CA GLY B 358 -12.74 -27.36 10.10
C GLY B 358 -14.00 -26.66 9.53
N LYS B 359 -14.03 -26.49 8.22
CA LYS B 359 -15.09 -25.82 7.54
C LYS B 359 -16.42 -26.56 7.83
N GLN B 360 -17.39 -25.85 8.31
CA GLN B 360 -18.71 -26.43 8.63
C GLN B 360 -19.68 -26.22 7.48
N LEU B 361 -20.25 -27.30 6.96
CA LEU B 361 -21.27 -27.23 5.92
C LEU B 361 -22.57 -27.80 6.50
N ILE B 362 -23.63 -26.99 6.54
CA ILE B 362 -24.93 -27.51 6.93
C ILE B 362 -25.60 -27.98 5.65
N THR B 363 -26.01 -29.26 5.63
CA THR B 363 -26.64 -29.88 4.47
C THR B 363 -28.11 -30.22 4.74
N TYR B 364 -28.84 -30.52 3.67
CA TYR B 364 -30.31 -30.61 3.71
C TYR B 364 -30.80 -31.80 2.91
C1 GOL C . 9.43 6.52 -6.42
O1 GOL C . 8.55 7.51 -5.94
C2 GOL C . 9.01 5.11 -6.02
O2 GOL C . 9.81 4.17 -6.71
C3 GOL C . 9.18 4.93 -4.52
O3 GOL C . 8.63 3.71 -4.09
C1 GOL D . 17.92 17.44 9.24
O1 GOL D . 18.74 17.94 8.21
C2 GOL D . 17.73 18.60 10.18
O2 GOL D . 16.86 18.25 11.23
C3 GOL D . 19.08 18.93 10.76
O3 GOL D . 18.96 20.11 11.48
C1 GOL E . 17.26 13.96 -6.94
O1 GOL E . 17.04 13.19 -5.77
C2 GOL E . 15.97 14.46 -7.61
O2 GOL E . 16.20 14.71 -8.99
C3 GOL E . 15.49 15.73 -6.92
O3 GOL E . 16.13 16.87 -7.42
C1 GOL F . 20.48 17.41 -6.99
O1 GOL F . 20.27 18.74 -7.42
C2 GOL F . 19.31 17.04 -6.11
O2 GOL F . 18.38 16.40 -6.95
C3 GOL F . 19.68 16.24 -4.87
O3 GOL F . 18.84 15.11 -4.62
C1 GOL G . -15.88 7.06 5.69
O1 GOL G . -14.67 6.38 5.92
C2 GOL G . -16.44 6.52 4.37
O2 GOL G . -17.64 7.14 4.04
C3 GOL G . -15.42 6.87 3.33
O3 GOL G . -15.96 7.50 2.20
C1 GOL H . 12.32 33.57 -14.56
O1 GOL H . 11.65 32.75 -13.60
C2 GOL H . 13.54 34.29 -13.97
O2 GOL H . 14.42 34.79 -14.95
C3 GOL H . 13.13 35.50 -13.15
O3 GOL H . 13.63 36.63 -13.78
C1 GOL I . 36.83 14.26 -9.91
O1 GOL I . 36.73 13.26 -8.93
C2 GOL I . 36.93 15.64 -9.26
O2 GOL I . 37.87 15.66 -8.20
C3 GOL I . 37.39 16.68 -10.28
O3 GOL I . 37.69 17.89 -9.61
S SO4 J . 6.78 16.68 14.19
O1 SO4 J . 6.65 17.40 15.38
O2 SO4 J . 6.82 17.53 13.03
O3 SO4 J . 7.94 15.86 14.15
O4 SO4 J . 5.65 15.79 14.14
S SO4 K . 13.62 18.24 8.54
O1 SO4 K . 14.90 18.99 8.43
O2 SO4 K . 13.41 17.64 7.23
O3 SO4 K . 13.77 17.24 9.59
O4 SO4 K . 12.56 19.11 8.99
S SO4 L . -5.18 1.31 16.56
O1 SO4 L . -5.82 2.56 16.15
O2 SO4 L . -5.16 0.32 15.48
O3 SO4 L . -3.77 1.54 16.93
O4 SO4 L . -5.98 0.74 17.65
S SO4 M . -9.95 -2.26 13.22
O1 SO4 M . -10.18 -1.32 12.14
O2 SO4 M . -9.64 -3.56 12.67
O3 SO4 M . -8.76 -1.92 13.98
O4 SO4 M . -11.14 -2.26 14.06
S SO4 N . 21.15 37.68 -18.07
O1 SO4 N . 21.97 37.57 -16.85
O2 SO4 N . 19.83 38.23 -17.75
O3 SO4 N . 21.79 38.56 -19.04
O4 SO4 N . 20.97 36.38 -18.75
C1 GOL O . -10.13 -4.10 -1.80
O1 GOL O . -9.67 -3.00 -1.08
C2 GOL O . -11.41 -3.80 -2.58
O2 GOL O . -11.79 -2.46 -2.72
C3 GOL O . -11.51 -4.55 -3.88
O3 GOL O . -10.86 -5.80 -3.80
C1 GOL P . -39.30 -11.72 15.63
O1 GOL P . -39.58 -10.40 15.29
C2 GOL P . -40.57 -12.53 15.86
O2 GOL P . -41.40 -12.55 14.72
C3 GOL P . -40.19 -13.94 16.26
O3 GOL P . -41.31 -14.58 16.81
C1 GOL Q . -9.84 -21.00 6.79
O1 GOL Q . -9.06 -21.99 6.21
C2 GOL Q . -10.83 -20.90 5.69
O2 GOL Q . -11.30 -22.25 5.69
C3 GOL Q . -11.91 -19.85 5.86
O3 GOL Q . -12.87 -19.91 4.80
C1 GOL R . -3.49 -29.04 9.57
O1 GOL R . -3.77 -28.59 8.27
C2 GOL R . -2.58 -30.26 9.48
O2 GOL R . -3.21 -31.39 10.04
C3 GOL R . -1.26 -30.01 10.19
O3 GOL R . -1.48 -29.58 11.52
C1 GOL S . -8.89 -32.76 3.75
O1 GOL S . -9.30 -33.32 2.52
C2 GOL S . -8.49 -31.30 3.57
O2 GOL S . -8.22 -30.69 4.82
C3 GOL S . -7.31 -31.18 2.61
O3 GOL S . -7.02 -29.84 2.31
S SO4 T . -0.93 -21.62 8.42
O1 SO4 T . -1.68 -20.93 9.42
O2 SO4 T . 0.08 -20.68 7.95
O3 SO4 T . -0.23 -22.76 8.93
O4 SO4 T . -1.74 -21.99 7.28
S SO4 U . -28.54 -3.63 15.67
O1 SO4 U . -28.18 -2.59 14.72
O2 SO4 U . -28.98 -4.76 14.87
O3 SO4 U . -27.34 -3.94 16.45
O4 SO4 U . -29.65 -3.25 16.56
S SO4 V . 15.03 -2.06 7.11
O1 SO4 V . 14.36 -0.77 7.27
O2 SO4 V . 14.66 -2.60 5.81
O3 SO4 V . 16.48 -1.94 7.14
O4 SO4 V . 14.60 -2.91 8.19
S SO4 W . -22.00 -35.20 -2.91
O1 SO4 W . -21.92 -34.14 -1.93
O2 SO4 W . -22.13 -34.62 -4.25
O3 SO4 W . -20.79 -36.04 -2.84
O4 SO4 W . -23.19 -35.99 -2.57
#